data_4JJS
#
_entry.id   4JJS
#
_cell.length_a   107.270
_cell.length_b   105.740
_cell.length_c   134.950
_cell.angle_alpha   90.00
_cell.angle_beta   90.00
_cell.angle_gamma   90.00
#
_symmetry.space_group_name_H-M   'P 21 21 21'
#
loop_
_entity.id
_entity.type
_entity.pdbx_description
1 polymer 'Genome polyprotein'
2 non-polymer '2-{[(trans-4-methylcyclohexyl)carbonyl](propan-2-yl)amino}-5-[2-(trifluoromethyl)phenoxy]benzoic acid'
3 non-polymer 'MAGNESIUM ION'
4 water water
#
_entity_poly.entity_id   1
_entity_poly.type   'polypeptide(L)'
_entity_poly.pdbx_seq_one_letter_code
;SMSYTWTGALITPCAAEESKLPINPLSNSLLRHHNMVYATTSRSASLRQKKVTFDRLQVLDDHYRDVLKEMKAKASTVKA
KLLSIEEACKLTPPHSAKSKFGYGAKDVRNLSSRAVNHIRSVWEDLLEDTETPIDTTIMAKSEVFCVQPEKGGRKPARLI
VFPDLGVRVCEKMALYDVVSTLPQAVMGSSYGFQYSPKQRVEFLVNTWKSKKCPMGFSYDTRCFDSTVTESDIRVEESIY
QCCDLAPEARQAIRSLTERLYIGGPLTNSKGQNCGYRRCRASGVLTTSCGNTLTCYLKATAACRAAKLQDCTMLVNGDDL
VVICESAGTQEDAAALRAFTEAMTRYSAPPGDPPQPEYDLELITSCSSNVSVAHDASGKRVYYLTRDPTTPLARAAWETA
RHTPINSWLGNIIMYAPTLWARMILMTHFFSILLAQEQLEKALDCQIYGACYSIEPLDLPQIIERLHGLSAFTLHSYSPG
EINRVASCLRKLGVPPLRTWRHRARSVRAKLLSQGGRAATCGRYLFNWAVRTKLKLTPIPAASQLDLSGWFVAGYSGGDI
YHSLSRARPRHHHHHH
;
_entity_poly.pdbx_strand_id   A,B
#
loop_
_chem_comp.id
_chem_comp.type
_chem_comp.name
_chem_comp.formula
1M9 non-polymer '2-{[(trans-4-methylcyclohexyl)carbonyl](propan-2-yl)amino}-5-[2-(trifluoromethyl)phenoxy]benzoic acid' 'C25 H28 F3 N O4'
MG non-polymer 'MAGNESIUM ION' 'Mg 2'
#
# COMPACT_ATOMS: atom_id res chain seq x y z
N SER A 1 -10.49 -13.06 20.22
CA SER A 1 -10.08 -12.70 21.61
C SER A 1 -11.17 -11.87 22.29
N MET A 2 -11.02 -11.67 23.59
CA MET A 2 -11.98 -10.90 24.39
C MET A 2 -11.90 -9.42 24.00
N SER A 3 -13.05 -8.81 23.70
CA SER A 3 -13.09 -7.40 23.35
C SER A 3 -12.49 -6.55 24.48
N TYR A 4 -12.77 -6.97 25.73
CA TYR A 4 -12.25 -6.31 26.92
C TYR A 4 -11.88 -7.30 28.04
N THR A 5 -10.96 -6.87 28.91
CA THR A 5 -10.52 -7.63 30.06
C THR A 5 -10.51 -6.61 31.21
N TRP A 6 -11.13 -6.97 32.34
CA TRP A 6 -11.18 -6.04 33.45
C TRP A 6 -10.36 -6.49 34.65
N THR A 7 -9.71 -5.51 35.29
CA THR A 7 -8.89 -5.76 36.47
C THR A 7 -9.78 -5.70 37.68
N GLY A 8 -10.95 -5.08 37.54
CA GLY A 8 -11.85 -4.96 38.66
C GLY A 8 -11.94 -3.52 39.10
N ALA A 9 -10.89 -2.72 38.85
CA ALA A 9 -10.93 -1.30 39.21
C ALA A 9 -12.16 -0.71 38.51
N LEU A 10 -12.80 0.28 39.13
CA LEU A 10 -14.04 0.86 38.58
C LEU A 10 -13.84 1.99 37.59
N ILE A 11 -14.86 2.25 36.78
CA ILE A 11 -14.82 3.35 35.82
C ILE A 11 -15.34 4.53 36.64
N THR A 12 -14.43 5.42 36.99
CA THR A 12 -14.77 6.56 37.82
C THR A 12 -14.91 7.90 37.11
N PRO A 13 -15.70 8.83 37.68
CA PRO A 13 -15.94 10.17 37.13
C PRO A 13 -14.85 11.10 37.65
N CYS A 14 -14.51 12.15 36.91
CA CYS A 14 -13.46 13.05 37.39
C CYS A 14 -14.10 14.32 37.94
N ALA A 15 -15.31 14.19 38.46
CA ALA A 15 -16.05 15.31 39.05
C ALA A 15 -17.49 14.85 39.25
N ALA A 16 -18.25 15.61 40.05
CA ALA A 16 -19.64 15.28 40.30
C ALA A 16 -20.36 15.18 38.94
N GLU A 17 -21.34 14.30 38.88
CA GLU A 17 -22.06 14.08 37.64
C GLU A 17 -23.53 14.45 37.77
N GLU A 18 -24.04 15.22 36.82
CA GLU A 18 -25.43 15.61 36.85
C GLU A 18 -26.26 14.57 36.10
N SER A 19 -27.32 14.08 36.75
CA SER A 19 -28.20 13.10 36.14
C SER A 19 -29.62 13.60 35.83
N LYS A 20 -30.13 14.52 36.66
CA LYS A 20 -31.48 15.04 36.43
C LYS A 20 -31.47 16.41 35.81
N LEU A 21 -32.50 16.70 35.04
CA LEU A 21 -32.62 18.01 34.39
C LEU A 21 -32.99 19.02 35.49
N PRO A 22 -32.21 20.10 35.61
CA PRO A 22 -32.49 21.12 36.62
C PRO A 22 -33.85 21.78 36.34
N ILE A 23 -34.56 22.15 37.40
CA ILE A 23 -35.86 22.81 37.27
C ILE A 23 -35.46 24.26 37.00
N ASN A 24 -35.44 24.61 35.73
CA ASN A 24 -35.05 25.93 35.28
C ASN A 24 -36.20 26.66 34.61
N PRO A 25 -36.32 27.97 34.86
CA PRO A 25 -37.42 28.76 34.27
C PRO A 25 -37.52 28.69 32.74
N LEU A 26 -36.38 28.60 32.07
CA LEU A 26 -36.33 28.56 30.63
C LEU A 26 -36.59 27.18 29.99
N SER A 27 -36.04 26.13 30.61
CA SER A 27 -36.21 24.79 30.07
C SER A 27 -37.66 24.35 30.18
N ASN A 28 -38.29 24.74 31.27
CA ASN A 28 -39.67 24.39 31.52
C ASN A 28 -40.62 25.02 30.48
N SER A 29 -40.18 26.12 29.87
CA SER A 29 -41.00 26.78 28.86
C SER A 29 -40.99 25.96 27.59
N LEU A 30 -39.91 25.20 27.41
CA LEU A 30 -39.74 24.34 26.25
C LEU A 30 -40.33 22.94 26.48
N LEU A 31 -40.04 22.38 27.64
CA LEU A 31 -40.47 21.02 27.96
C LEU A 31 -40.89 21.01 29.43
N ARG A 32 -42.09 20.53 29.72
CA ARG A 32 -42.59 20.50 31.10
C ARG A 32 -42.35 19.19 31.89
N HIS A 33 -42.25 18.07 31.19
CA HIS A 33 -42.02 16.78 31.85
C HIS A 33 -40.52 16.58 32.08
N HIS A 34 -39.94 17.44 32.89
CA HIS A 34 -38.51 17.39 33.18
C HIS A 34 -38.03 16.07 33.82
N ASN A 35 -38.92 15.36 34.53
CA ASN A 35 -38.52 14.11 35.17
C ASN A 35 -38.33 13.00 34.14
N MET A 36 -38.61 13.31 32.89
CA MET A 36 -38.45 12.33 31.84
C MET A 36 -37.12 12.44 31.14
N VAL A 37 -36.40 13.52 31.44
CA VAL A 37 -35.09 13.77 30.83
C VAL A 37 -33.97 13.42 31.79
N TYR A 38 -32.98 12.68 31.29
CA TYR A 38 -31.85 12.28 32.12
C TYR A 38 -30.51 12.29 31.38
N ALA A 39 -29.43 12.36 32.16
CA ALA A 39 -28.07 12.35 31.62
C ALA A 39 -27.42 11.08 32.13
N THR A 40 -26.84 10.31 31.21
CA THR A 40 -26.17 9.07 31.61
C THR A 40 -24.93 9.40 32.41
N THR A 41 -24.61 8.57 33.40
CA THR A 41 -23.43 8.78 34.24
C THR A 41 -22.65 7.48 34.46
N SER A 42 -21.57 7.58 35.23
CA SER A 42 -20.70 6.46 35.52
C SER A 42 -21.36 5.43 36.41
N ARG A 43 -22.51 5.79 37.00
CA ARG A 43 -23.25 4.85 37.83
C ARG A 43 -23.77 3.65 37.03
N SER A 44 -23.88 3.79 35.70
CA SER A 44 -24.36 2.68 34.88
C SER A 44 -23.23 2.08 34.04
N ALA A 45 -21.99 2.49 34.30
CA ALA A 45 -20.85 1.99 33.53
C ALA A 45 -20.75 0.45 33.52
N SER A 46 -21.04 -0.17 34.66
CA SER A 46 -20.97 -1.62 34.77
C SER A 46 -21.94 -2.29 33.82
N LEU A 47 -23.13 -1.70 33.65
CA LEU A 47 -24.11 -2.27 32.73
C LEU A 47 -23.59 -2.27 31.29
N ARG A 48 -22.93 -1.19 30.90
CA ARG A 48 -22.39 -1.10 29.54
C ARG A 48 -21.25 -2.10 29.39
N GLN A 49 -20.38 -2.17 30.40
CA GLN A 49 -19.23 -3.06 30.38
C GLN A 49 -19.63 -4.48 30.06
N LYS A 50 -20.73 -4.91 30.66
CA LYS A 50 -21.15 -6.27 30.45
C LYS A 50 -21.58 -6.48 29.00
N LYS A 51 -22.26 -5.48 28.46
CA LYS A 51 -22.73 -5.62 27.09
C LYS A 51 -21.61 -5.60 26.06
N VAL A 52 -20.59 -4.81 26.30
CA VAL A 52 -19.51 -4.68 25.32
C VAL A 52 -18.35 -5.62 25.55
N THR A 53 -18.52 -6.56 26.47
CA THR A 53 -17.44 -7.50 26.75
C THR A 53 -17.76 -8.91 26.30
N PHE A 54 -17.05 -9.39 25.27
CA PHE A 54 -17.29 -10.73 24.75
C PHE A 54 -16.16 -11.18 23.82
N ASP A 55 -16.10 -12.48 23.57
CA ASP A 55 -15.08 -13.05 22.70
C ASP A 55 -15.57 -12.97 21.25
N ARG A 56 -14.76 -12.38 20.37
CA ARG A 56 -15.16 -12.23 18.97
C ARG A 56 -14.83 -13.42 18.09
N LEU A 57 -15.77 -13.74 17.22
CA LEU A 57 -15.62 -14.84 16.29
C LEU A 57 -15.51 -14.27 14.89
N GLN A 58 -14.49 -14.69 14.15
CA GLN A 58 -14.30 -14.18 12.79
C GLN A 58 -13.78 -15.22 11.79
N VAL A 59 -14.49 -15.34 10.68
CA VAL A 59 -14.16 -16.26 9.61
C VAL A 59 -14.17 -15.50 8.28
N LEU A 60 -12.98 -15.30 7.70
CA LEU A 60 -12.86 -14.55 6.43
C LEU A 60 -12.85 -15.48 5.22
N ASP A 61 -13.53 -15.06 4.15
CA ASP A 61 -13.62 -15.87 2.94
C ASP A 61 -13.15 -15.08 1.71
N ASP A 62 -13.33 -15.68 0.53
CA ASP A 62 -12.93 -15.08 -0.74
C ASP A 62 -13.64 -13.75 -1.09
N HIS A 63 -14.90 -13.62 -0.72
CA HIS A 63 -15.58 -12.37 -1.00
C HIS A 63 -14.90 -11.24 -0.20
N TYR A 64 -14.68 -11.47 1.08
CA TYR A 64 -14.03 -10.50 1.94
C TYR A 64 -12.68 -10.08 1.31
N ARG A 65 -11.86 -11.08 1.00
CA ARG A 65 -10.56 -10.83 0.42
C ARG A 65 -10.68 -10.17 -0.94
N ASP A 66 -11.72 -10.50 -1.68
CA ASP A 66 -11.89 -9.85 -2.97
C ASP A 66 -12.20 -8.36 -2.81
N VAL A 67 -13.14 -8.03 -1.93
CA VAL A 67 -13.48 -6.64 -1.76
C VAL A 67 -12.30 -5.83 -1.24
N LEU A 68 -11.54 -6.46 -0.33
CA LEU A 68 -10.38 -5.83 0.27
C LEU A 68 -9.41 -5.38 -0.81
N LYS A 69 -9.12 -6.26 -1.77
CA LYS A 69 -8.19 -5.91 -2.86
C LYS A 69 -8.70 -4.76 -3.73
N GLU A 70 -9.99 -4.78 -4.05
CA GLU A 70 -10.61 -3.72 -4.83
C GLU A 70 -10.41 -2.38 -4.10
N MET A 71 -10.62 -2.38 -2.79
CA MET A 71 -10.46 -1.17 -1.99
C MET A 71 -9.01 -0.68 -2.01
N LYS A 72 -8.05 -1.60 -1.82
CA LYS A 72 -6.62 -1.25 -1.84
C LYS A 72 -6.18 -0.61 -3.17
N ALA A 73 -6.69 -1.14 -4.29
CA ALA A 73 -6.36 -0.62 -5.62
C ALA A 73 -6.73 0.84 -5.70
N LYS A 74 -7.78 1.24 -5.00
CA LYS A 74 -8.21 2.63 -5.02
C LYS A 74 -7.37 3.48 -4.05
N ALA A 75 -7.02 2.88 -2.92
CA ALA A 75 -6.23 3.62 -1.96
C ALA A 75 -4.88 3.96 -2.56
N SER A 76 -4.48 3.17 -3.56
CA SER A 76 -3.20 3.35 -4.23
C SER A 76 -3.07 4.63 -5.04
N THR A 77 -4.17 5.35 -5.20
CA THR A 77 -4.17 6.58 -5.96
C THR A 77 -4.04 7.80 -5.07
N VAL A 78 -4.11 7.56 -3.77
CA VAL A 78 -4.02 8.65 -2.82
C VAL A 78 -2.59 9.02 -2.37
N LYS A 79 -2.44 10.31 -2.06
CA LYS A 79 -1.16 10.84 -1.60
C LYS A 79 -1.50 11.76 -0.42
N ALA A 80 -1.16 11.31 0.79
CA ALA A 80 -1.43 12.03 2.03
C ALA A 80 -0.27 12.97 2.30
N LYS A 81 -0.49 14.05 3.02
CA LYS A 81 0.58 15.01 3.21
C LYS A 81 1.30 15.17 4.53
N LEU A 82 0.78 14.64 5.61
CA LEU A 82 1.50 14.83 6.86
C LEU A 82 1.44 16.30 7.29
N LEU A 83 0.72 16.56 8.37
CA LEU A 83 0.57 17.90 8.89
C LEU A 83 1.73 18.36 9.79
N SER A 84 1.99 19.66 9.79
CA SER A 84 3.04 20.21 10.65
C SER A 84 2.47 20.31 12.06
N ILE A 85 3.35 20.42 13.05
CA ILE A 85 2.88 20.53 14.42
C ILE A 85 1.87 21.66 14.54
N GLU A 86 2.22 22.80 13.93
CA GLU A 86 1.35 23.97 14.00
C GLU A 86 -0.03 23.74 13.41
N GLU A 87 -0.07 23.11 12.24
CA GLU A 87 -1.35 22.85 11.60
C GLU A 87 -2.14 21.89 12.49
N ALA A 88 -1.44 20.94 13.08
CA ALA A 88 -2.09 19.95 13.93
C ALA A 88 -2.67 20.58 15.20
N CYS A 89 -1.90 21.48 15.81
CA CYS A 89 -2.35 22.14 17.02
C CYS A 89 -3.60 22.93 16.71
N LYS A 90 -3.62 23.53 15.52
CA LYS A 90 -4.77 24.34 15.12
C LYS A 90 -6.08 23.55 14.99
N LEU A 91 -5.97 22.24 14.81
CA LEU A 91 -7.15 21.39 14.67
C LEU A 91 -7.71 20.98 16.05
N THR A 92 -7.00 21.29 17.11
CA THR A 92 -7.44 20.93 18.45
C THR A 92 -8.49 21.90 18.96
N PRO A 93 -9.64 21.37 19.44
CA PRO A 93 -10.75 22.17 19.97
C PRO A 93 -10.36 22.81 21.29
N PRO A 94 -10.81 24.06 21.52
CA PRO A 94 -10.50 24.79 22.76
C PRO A 94 -10.90 24.01 24.05
N HIS A 95 -11.93 23.18 23.97
CA HIS A 95 -12.37 22.44 25.14
C HIS A 95 -11.84 20.99 25.16
N SER A 96 -10.77 20.74 24.41
CA SER A 96 -10.23 19.39 24.37
C SER A 96 -9.61 19.04 25.72
N ALA A 97 -9.72 17.78 26.13
CA ALA A 97 -9.14 17.29 27.39
C ALA A 97 -7.63 17.66 27.56
N LYS A 98 -7.32 18.26 28.70
CA LYS A 98 -5.95 18.69 28.95
C LYS A 98 -4.98 17.54 29.07
N SER A 99 -3.74 17.81 28.70
CA SER A 99 -2.71 16.81 28.81
C SER A 99 -2.41 16.60 30.29
N LYS A 100 -1.71 15.52 30.62
CA LYS A 100 -1.33 15.24 32.00
C LYS A 100 0.13 15.63 32.13
N PHE A 101 0.67 16.14 31.03
CA PHE A 101 2.06 16.53 30.99
C PHE A 101 2.32 18.03 31.15
N GLY A 102 1.42 18.70 31.86
CA GLY A 102 1.63 20.11 32.14
C GLY A 102 1.15 21.16 31.16
N TYR A 103 0.03 20.88 30.53
CA TYR A 103 -0.52 21.84 29.59
C TYR A 103 -1.90 21.37 29.15
N GLY A 104 -2.69 22.30 28.58
CA GLY A 104 -4.03 21.99 28.14
C GLY A 104 -4.29 22.37 26.70
N ALA A 105 -5.55 22.28 26.27
CA ALA A 105 -5.95 22.60 24.91
C ALA A 105 -5.62 24.04 24.49
N LYS A 106 -5.88 25.00 25.38
CA LYS A 106 -5.57 26.38 25.05
C LYS A 106 -4.08 26.53 24.78
N ASP A 107 -3.24 25.88 25.60
CA ASP A 107 -1.79 25.99 25.42
C ASP A 107 -1.38 25.43 24.07
N VAL A 108 -2.05 24.35 23.68
CA VAL A 108 -1.77 23.73 22.39
C VAL A 108 -2.09 24.71 21.26
N ARG A 109 -3.27 25.32 21.32
CA ARG A 109 -3.68 26.23 20.26
C ARG A 109 -2.79 27.46 20.14
N ASN A 110 -2.23 27.86 21.28
CA ASN A 110 -1.36 29.04 21.33
C ASN A 110 0.07 28.72 20.99
N LEU A 111 0.34 27.46 20.65
CA LEU A 111 1.68 27.04 20.27
C LEU A 111 2.66 27.37 21.38
N SER A 112 2.22 27.20 22.62
CA SER A 112 3.07 27.46 23.76
C SER A 112 4.27 26.52 23.69
N SER A 113 5.38 26.97 24.26
CA SER A 113 6.60 26.21 24.30
C SER A 113 6.46 24.83 24.97
N ARG A 114 5.75 24.77 26.08
CA ARG A 114 5.60 23.50 26.77
C ARG A 114 4.68 22.49 26.06
N ALA A 115 3.76 22.98 25.26
CA ALA A 115 2.86 22.08 24.55
C ALA A 115 3.56 21.52 23.33
N VAL A 116 4.21 22.40 22.59
CA VAL A 116 4.89 22.00 21.38
C VAL A 116 6.04 21.05 21.61
N ASN A 117 6.90 21.40 22.57
CA ASN A 117 8.07 20.59 22.87
C ASN A 117 7.70 19.19 23.31
N HIS A 118 6.66 19.07 24.12
CA HIS A 118 6.23 17.75 24.59
C HIS A 118 5.61 16.97 23.43
N ILE A 119 4.85 17.68 22.59
CA ILE A 119 4.21 17.06 21.44
C ILE A 119 5.29 16.51 20.51
N ARG A 120 6.37 17.28 20.36
CA ARG A 120 7.50 16.87 19.55
C ARG A 120 8.10 15.59 20.10
N SER A 121 8.27 15.52 21.42
CA SER A 121 8.83 14.34 22.04
C SER A 121 7.93 13.10 21.89
N VAL A 122 6.62 13.27 21.94
CA VAL A 122 5.69 12.15 21.75
C VAL A 122 5.80 11.66 20.29
N TRP A 123 6.01 12.58 19.36
CA TRP A 123 6.15 12.22 17.95
C TRP A 123 7.48 11.49 17.65
N GLU A 124 8.54 11.89 18.34
CA GLU A 124 9.84 11.26 18.13
C GLU A 124 9.79 9.86 18.68
N ASP A 125 8.99 9.69 19.74
CA ASP A 125 8.82 8.42 20.41
C ASP A 125 8.02 7.44 19.54
N LEU A 126 7.10 7.97 18.74
CA LEU A 126 6.31 7.11 17.87
C LEU A 126 7.23 6.60 16.78
N LEU A 127 8.21 7.42 16.43
CA LEU A 127 9.15 7.03 15.38
C LEU A 127 10.13 5.98 15.85
N GLU A 128 10.47 6.00 17.14
CA GLU A 128 11.47 5.11 17.73
C GLU A 128 10.98 3.83 18.39
N ASP A 129 9.82 3.92 19.05
CA ASP A 129 9.22 2.78 19.75
C ASP A 129 8.02 2.27 18.94
N THR A 130 8.12 1.04 18.46
CA THR A 130 7.04 0.49 17.66
C THR A 130 6.19 -0.54 18.41
N GLU A 131 6.38 -0.67 19.73
CA GLU A 131 5.69 -1.69 20.51
C GLU A 131 4.89 -1.24 21.73
N THR A 132 5.55 -0.59 22.68
CA THR A 132 4.90 -0.15 23.91
C THR A 132 3.45 0.37 23.80
N PRO A 133 2.50 -0.34 24.43
CA PRO A 133 1.11 0.08 24.40
C PRO A 133 0.91 1.47 25.00
N ILE A 134 0.36 2.37 24.19
CA ILE A 134 0.12 3.72 24.67
C ILE A 134 -1.03 3.70 25.67
N ASP A 135 -0.93 4.55 26.70
CA ASP A 135 -1.96 4.62 27.74
C ASP A 135 -3.25 5.33 27.30
N THR A 136 -4.38 4.82 27.79
CA THR A 136 -5.67 5.42 27.48
C THR A 136 -6.52 5.59 28.73
N THR A 137 -7.35 6.63 28.71
CA THR A 137 -8.27 6.87 29.79
C THR A 137 -9.63 6.34 29.34
N ILE A 138 -10.34 5.68 30.24
CA ILE A 138 -11.67 5.20 29.90
C ILE A 138 -12.62 5.96 30.83
N MET A 139 -13.65 6.55 30.24
CA MET A 139 -14.65 7.30 31.00
C MET A 139 -16.05 6.91 30.57
N ALA A 140 -17.02 7.20 31.42
CA ALA A 140 -18.40 6.95 31.10
C ALA A 140 -18.81 8.28 30.42
N LYS A 141 -19.41 8.19 29.24
CA LYS A 141 -19.81 9.40 28.52
C LYS A 141 -21.12 9.94 29.10
N SER A 142 -21.21 11.26 29.17
CA SER A 142 -22.39 11.92 29.69
C SER A 142 -23.28 12.34 28.52
N GLU A 143 -24.39 11.62 28.30
CA GLU A 143 -25.35 11.93 27.24
C GLU A 143 -26.80 11.99 27.73
N VAL A 144 -27.55 12.93 27.16
CA VAL A 144 -28.95 13.17 27.51
C VAL A 144 -29.95 12.45 26.61
N PHE A 145 -30.98 11.89 27.24
CA PHE A 145 -32.05 11.17 26.54
C PHE A 145 -33.36 11.33 27.32
N CYS A 146 -34.46 10.89 26.70
CA CYS A 146 -35.78 10.89 27.34
C CYS A 146 -36.06 9.44 27.72
N VAL A 147 -36.64 9.21 28.89
CA VAL A 147 -36.94 7.85 29.32
C VAL A 147 -37.86 7.16 28.31
N GLN A 148 -37.78 5.83 28.27
CA GLN A 148 -38.59 5.04 27.36
C GLN A 148 -39.70 4.29 28.10
N PRO A 149 -40.61 3.67 27.34
CA PRO A 149 -41.73 2.91 27.89
C PRO A 149 -41.16 1.80 28.78
N ARG A 154 -33.89 2.75 30.71
CA ARG A 154 -32.81 3.77 30.52
C ARG A 154 -31.54 3.19 29.91
N LYS A 155 -30.92 3.96 29.02
CA LYS A 155 -29.71 3.52 28.35
C LYS A 155 -28.54 3.66 29.28
N PRO A 156 -27.69 2.63 29.34
CA PRO A 156 -26.51 2.71 30.22
C PRO A 156 -25.55 3.67 29.53
N ALA A 157 -24.58 4.21 30.26
CA ALA A 157 -23.63 5.13 29.66
C ALA A 157 -22.72 4.49 28.60
N ARG A 158 -22.33 5.29 27.61
CA ARG A 158 -21.43 4.83 26.57
C ARG A 158 -20.02 4.91 27.17
N LEU A 159 -19.13 4.05 26.70
CA LEU A 159 -17.78 4.06 27.22
C LEU A 159 -16.87 4.67 26.18
N ILE A 160 -16.17 5.73 26.58
CA ILE A 160 -15.23 6.38 25.69
C ILE A 160 -13.79 6.10 26.13
N VAL A 161 -12.94 5.79 25.15
CA VAL A 161 -11.55 5.49 25.39
C VAL A 161 -10.67 6.44 24.57
N PHE A 162 -9.82 7.22 25.23
CA PHE A 162 -8.98 8.15 24.51
C PHE A 162 -7.59 8.33 25.10
N PRO A 163 -6.58 8.57 24.24
CA PRO A 163 -5.20 8.77 24.69
C PRO A 163 -4.93 10.26 25.08
N ASP A 164 -3.78 10.50 25.67
CA ASP A 164 -3.40 11.84 26.11
C ASP A 164 -3.36 12.90 25.00
N LEU A 165 -3.67 14.14 25.35
CA LEU A 165 -3.69 15.23 24.38
C LEU A 165 -2.47 15.22 23.45
N GLY A 166 -1.30 14.91 24.01
CA GLY A 166 -0.07 14.88 23.24
C GLY A 166 -0.13 13.88 22.10
N VAL A 167 -0.63 12.68 22.37
CA VAL A 167 -0.76 11.67 21.34
C VAL A 167 -1.80 12.11 20.29
N ARG A 168 -2.86 12.80 20.73
CA ARG A 168 -3.93 13.25 19.83
C ARG A 168 -3.42 14.22 18.74
N VAL A 169 -2.59 15.18 19.13
CA VAL A 169 -2.06 16.09 18.13
C VAL A 169 -1.18 15.29 17.15
N CYS A 170 -0.43 14.32 17.67
CA CYS A 170 0.41 13.49 16.83
C CYS A 170 -0.42 12.70 15.81
N GLU A 171 -1.57 12.16 16.24
CA GLU A 171 -2.45 11.42 15.33
C GLU A 171 -2.78 12.29 14.12
N LYS A 172 -3.15 13.54 14.38
CA LYS A 172 -3.52 14.48 13.33
C LYS A 172 -2.37 14.66 12.35
N MET A 173 -1.18 14.87 12.88
CA MET A 173 -0.02 15.08 12.05
C MET A 173 0.16 13.96 11.04
N ALA A 174 0.02 12.74 11.54
CA ALA A 174 0.19 11.58 10.70
C ALA A 174 -1.00 11.15 9.86
N LEU A 175 -2.20 11.25 10.42
CA LEU A 175 -3.38 10.76 9.72
C LEU A 175 -4.54 11.69 9.35
N TYR A 176 -4.47 12.94 9.76
CA TYR A 176 -5.57 13.86 9.46
C TYR A 176 -5.91 13.88 7.96
N ASP A 177 -4.92 14.11 7.12
CA ASP A 177 -5.14 14.17 5.68
C ASP A 177 -5.65 12.82 5.17
N VAL A 178 -5.13 11.74 5.72
CA VAL A 178 -5.55 10.40 5.32
C VAL A 178 -7.05 10.16 5.60
N VAL A 179 -7.48 10.40 6.83
CA VAL A 179 -8.88 10.18 7.17
C VAL A 179 -9.84 11.20 6.55
N SER A 180 -9.30 12.25 5.93
CA SER A 180 -10.13 13.26 5.31
C SER A 180 -10.32 13.02 3.83
N THR A 181 -9.38 12.35 3.18
CA THR A 181 -9.51 12.11 1.74
C THR A 181 -9.65 10.62 1.29
N LEU A 182 -9.02 9.69 2.01
CA LEU A 182 -9.07 8.28 1.62
C LEU A 182 -10.44 7.60 1.55
N PRO A 183 -11.30 7.85 2.53
CA PRO A 183 -12.63 7.22 2.50
C PRO A 183 -13.38 7.50 1.21
N GLN A 184 -13.36 8.74 0.77
CA GLN A 184 -14.09 9.12 -0.42
C GLN A 184 -13.49 8.44 -1.67
N ALA A 185 -12.16 8.46 -1.74
CA ALA A 185 -11.45 7.83 -2.84
C ALA A 185 -11.66 6.30 -2.94
N VAL A 186 -11.85 5.65 -1.80
CA VAL A 186 -12.02 4.21 -1.79
C VAL A 186 -13.47 3.80 -1.94
N MET A 187 -14.36 4.50 -1.24
CA MET A 187 -15.78 4.14 -1.29
C MET A 187 -16.69 4.90 -2.27
N GLY A 188 -16.16 5.95 -2.89
CA GLY A 188 -16.92 6.75 -3.84
C GLY A 188 -18.23 7.30 -3.28
N SER A 189 -19.29 7.26 -4.08
CA SER A 189 -20.58 7.78 -3.65
C SER A 189 -21.20 7.11 -2.40
N SER A 190 -20.63 5.97 -1.98
CA SER A 190 -21.10 5.24 -0.79
C SER A 190 -20.66 5.89 0.53
N TYR A 191 -19.63 6.74 0.49
CA TYR A 191 -19.15 7.41 1.70
C TYR A 191 -20.16 8.51 2.03
N GLY A 192 -20.87 8.36 3.15
CA GLY A 192 -21.89 9.32 3.53
C GLY A 192 -21.54 10.72 4.01
N PHE A 193 -20.39 10.85 4.67
CA PHE A 193 -19.99 12.15 5.18
C PHE A 193 -19.65 13.21 4.12
N GLN A 194 -19.62 12.84 2.86
CA GLN A 194 -19.32 13.82 1.82
C GLN A 194 -20.60 14.60 1.48
N TYR A 195 -21.74 14.13 2.01
CA TYR A 195 -23.03 14.74 1.72
C TYR A 195 -23.58 15.63 2.84
N SER A 196 -24.24 16.71 2.45
CA SER A 196 -24.90 17.59 3.40
C SER A 196 -26.24 16.88 3.54
N PRO A 197 -27.09 17.30 4.49
CA PRO A 197 -28.39 16.60 4.59
C PRO A 197 -29.20 16.55 3.30
N LYS A 198 -29.27 17.66 2.59
CA LYS A 198 -30.01 17.72 1.33
C LYS A 198 -29.42 16.72 0.30
N GLN A 199 -28.10 16.68 0.21
CA GLN A 199 -27.39 15.80 -0.71
C GLN A 199 -27.54 14.30 -0.34
N ARG A 200 -27.60 14.01 0.95
CA ARG A 200 -27.80 12.64 1.41
C ARG A 200 -29.22 12.25 0.97
N VAL A 201 -30.14 13.20 1.03
CA VAL A 201 -31.52 12.94 0.65
C VAL A 201 -31.60 12.68 -0.85
N GLU A 202 -30.89 13.49 -1.61
CA GLU A 202 -30.84 13.37 -3.07
C GLU A 202 -30.33 11.98 -3.49
N PHE A 203 -29.25 11.55 -2.86
CA PHE A 203 -28.61 10.27 -3.14
C PHE A 203 -29.54 9.12 -2.79
N LEU A 204 -30.20 9.23 -1.63
CA LEU A 204 -31.14 8.18 -1.22
C LEU A 204 -32.35 8.13 -2.17
N VAL A 205 -32.98 9.29 -2.38
CA VAL A 205 -34.14 9.36 -3.25
C VAL A 205 -33.84 8.87 -4.68
N ASN A 206 -32.73 9.32 -5.24
CA ASN A 206 -32.38 8.87 -6.58
C ASN A 206 -32.11 7.37 -6.66
N THR A 207 -31.37 6.83 -5.68
CA THR A 207 -31.06 5.41 -5.67
C THR A 207 -32.38 4.64 -5.57
N TRP A 208 -33.30 5.18 -4.80
CA TRP A 208 -34.58 4.51 -4.59
C TRP A 208 -35.42 4.48 -5.87
N LYS A 209 -35.65 5.66 -6.44
CA LYS A 209 -36.45 5.76 -7.65
C LYS A 209 -35.76 5.14 -8.86
N SER A 210 -34.47 4.83 -8.73
CA SER A 210 -33.76 4.24 -9.86
C SER A 210 -34.00 2.75 -10.03
N LYS A 211 -34.53 2.12 -8.98
CA LYS A 211 -34.81 0.69 -9.00
C LYS A 211 -36.19 0.43 -9.63
N LYS A 212 -36.33 -0.72 -10.29
CA LYS A 212 -37.60 -1.11 -10.90
C LYS A 212 -38.61 -1.30 -9.76
N CYS A 213 -38.16 -1.98 -8.72
CA CYS A 213 -38.96 -2.23 -7.53
C CYS A 213 -37.96 -2.24 -6.38
N PRO A 214 -37.77 -1.10 -5.70
CA PRO A 214 -36.82 -0.98 -4.59
C PRO A 214 -37.12 -1.73 -3.31
N MET A 215 -36.06 -2.13 -2.62
CA MET A 215 -36.15 -2.78 -1.33
C MET A 215 -34.97 -2.24 -0.51
N GLY A 216 -35.20 -1.79 0.72
CA GLY A 216 -34.07 -1.30 1.47
C GLY A 216 -34.08 -1.71 2.91
N PHE A 217 -32.91 -1.61 3.52
CA PHE A 217 -32.79 -1.92 4.92
C PHE A 217 -31.64 -1.21 5.59
N SER A 218 -31.79 -0.94 6.88
CA SER A 218 -30.71 -0.36 7.67
C SER A 218 -30.10 -1.60 8.39
N TYR A 219 -28.82 -1.54 8.72
CA TYR A 219 -28.21 -2.68 9.43
C TYR A 219 -27.52 -2.19 10.66
N ASP A 220 -28.08 -2.54 11.81
CA ASP A 220 -27.51 -2.14 13.08
C ASP A 220 -26.61 -3.24 13.64
N THR A 221 -25.31 -2.98 13.69
CA THR A 221 -24.37 -3.95 14.23
C THR A 221 -24.37 -3.81 15.75
N ARG A 222 -24.61 -4.91 16.46
CA ARG A 222 -24.60 -4.86 17.92
C ARG A 222 -23.23 -4.40 18.42
N CYS A 223 -23.17 -3.20 19.03
CA CYS A 223 -21.92 -2.66 19.59
C CYS A 223 -20.76 -2.80 18.62
N PHE A 224 -20.84 -2.04 17.53
CA PHE A 224 -19.83 -2.12 16.49
C PHE A 224 -18.36 -2.02 16.91
N ASP A 225 -18.01 -1.05 17.74
CA ASP A 225 -16.62 -0.87 18.17
C ASP A 225 -15.99 -2.12 18.80
N SER A 226 -16.80 -2.81 19.61
CA SER A 226 -16.35 -3.99 20.28
C SER A 226 -16.26 -5.19 19.32
N THR A 227 -16.96 -5.13 18.19
CA THR A 227 -16.91 -6.26 17.23
C THR A 227 -15.69 -6.12 16.32
N VAL A 228 -15.03 -4.96 16.37
CA VAL A 228 -13.84 -4.70 15.59
C VAL A 228 -12.62 -5.49 16.14
N THR A 229 -12.12 -6.42 15.34
CA THR A 229 -10.99 -7.25 15.76
C THR A 229 -9.62 -6.67 15.42
N GLU A 230 -8.57 -7.32 15.93
CA GLU A 230 -7.21 -6.87 15.69
C GLU A 230 -6.92 -7.05 14.21
N SER A 231 -7.55 -8.06 13.61
CA SER A 231 -7.41 -8.34 12.19
C SER A 231 -8.00 -7.16 11.41
N ASP A 232 -9.16 -6.68 11.82
CA ASP A 232 -9.79 -5.54 11.12
C ASP A 232 -8.90 -4.27 11.12
N ILE A 233 -8.28 -4.01 12.26
CA ILE A 233 -7.44 -2.84 12.44
C ILE A 233 -6.15 -2.95 11.64
N ARG A 234 -5.55 -4.13 11.57
CA ARG A 234 -4.34 -4.27 10.77
C ARG A 234 -4.73 -4.22 9.27
N VAL A 235 -5.91 -4.73 8.94
CA VAL A 235 -6.39 -4.70 7.55
C VAL A 235 -6.63 -3.24 7.19
N GLU A 236 -7.18 -2.51 8.14
CA GLU A 236 -7.44 -1.10 7.96
C GLU A 236 -6.12 -0.37 7.67
N GLU A 237 -5.07 -0.71 8.42
CA GLU A 237 -3.77 -0.11 8.22
C GLU A 237 -3.22 -0.46 6.85
N SER A 238 -3.43 -1.71 6.43
CA SER A 238 -2.94 -2.15 5.12
C SER A 238 -3.51 -1.23 4.04
N ILE A 239 -4.70 -0.70 4.29
CA ILE A 239 -5.31 0.20 3.33
C ILE A 239 -4.61 1.55 3.38
N TYR A 240 -4.40 2.09 4.60
CA TYR A 240 -3.73 3.39 4.77
C TYR A 240 -2.33 3.36 4.18
N GLN A 241 -1.68 2.20 4.28
CA GLN A 241 -0.31 2.04 3.79
C GLN A 241 -0.17 2.13 2.27
N CYS A 242 -1.28 1.95 1.56
CA CYS A 242 -1.26 2.04 0.10
C CYS A 242 -1.10 3.51 -0.36
N CYS A 243 -1.21 4.44 0.59
CA CYS A 243 -1.06 5.86 0.29
C CYS A 243 0.42 6.21 0.18
N ASP A 244 0.72 7.15 -0.70
CA ASP A 244 2.10 7.62 -0.76
C ASP A 244 2.21 8.44 0.53
N LEU A 245 3.16 8.09 1.38
CA LEU A 245 3.31 8.77 2.65
C LEU A 245 4.73 9.21 2.90
N ALA A 246 4.88 10.22 3.74
CA ALA A 246 6.22 10.68 4.12
C ALA A 246 6.75 9.54 4.99
N PRO A 247 8.07 9.31 4.95
CA PRO A 247 8.72 8.25 5.73
C PRO A 247 8.29 8.28 7.19
N GLU A 248 8.18 9.47 7.77
CA GLU A 248 7.78 9.56 9.17
C GLU A 248 6.30 9.29 9.37
N ALA A 249 5.49 9.65 8.38
CA ALA A 249 4.05 9.41 8.47
C ALA A 249 3.85 7.89 8.47
N ARG A 250 4.53 7.22 7.55
CA ARG A 250 4.41 5.77 7.45
C ARG A 250 4.71 5.09 8.80
N GLN A 251 5.88 5.41 9.36
CA GLN A 251 6.29 4.85 10.65
C GLN A 251 5.29 5.20 11.77
N ALA A 252 4.84 6.45 11.80
CA ALA A 252 3.89 6.89 12.81
C ALA A 252 2.60 6.06 12.75
N ILE A 253 2.07 5.87 11.55
CA ILE A 253 0.88 5.07 11.33
C ILE A 253 1.12 3.61 11.81
N ARG A 254 2.27 3.04 11.44
CA ARG A 254 2.63 1.69 11.83
C ARG A 254 2.67 1.54 13.37
N SER A 255 3.29 2.52 14.01
CA SER A 255 3.41 2.56 15.47
C SER A 255 2.10 2.82 16.15
N LEU A 256 1.33 3.76 15.63
CA LEU A 256 0.03 4.03 16.22
C LEU A 256 -0.87 2.77 16.12
N THR A 257 -0.79 2.06 15.01
CA THR A 257 -1.60 0.87 14.83
C THR A 257 -1.30 -0.18 15.91
N GLU A 258 -0.02 -0.50 16.08
CA GLU A 258 0.36 -1.52 17.06
C GLU A 258 0.26 -1.09 18.51
N ARG A 259 0.48 0.19 18.77
CA ARG A 259 0.48 0.71 20.14
C ARG A 259 -0.82 1.33 20.64
N LEU A 260 -1.69 1.74 19.72
CA LEU A 260 -2.92 2.40 20.12
C LEU A 260 -4.20 1.84 19.50
N TYR A 261 -4.24 1.76 18.17
CA TYR A 261 -5.42 1.31 17.47
C TYR A 261 -5.87 -0.14 17.68
N ILE A 262 -4.96 -1.11 17.66
CA ILE A 262 -5.38 -2.50 17.88
C ILE A 262 -5.86 -2.72 19.32
N GLY A 263 -5.35 -1.91 20.24
CA GLY A 263 -5.73 -2.07 21.64
C GLY A 263 -4.68 -1.53 22.58
N GLY A 264 -4.86 -1.78 23.88
CA GLY A 264 -3.91 -1.30 24.87
C GLY A 264 -4.49 -1.17 26.27
N PRO A 265 -3.68 -0.71 27.25
CA PRO A 265 -4.12 -0.53 28.62
C PRO A 265 -5.17 0.58 28.86
N LEU A 266 -6.07 0.30 29.81
CA LEU A 266 -7.16 1.20 30.20
C LEU A 266 -6.93 1.74 31.60
N THR A 267 -6.99 3.06 31.73
CA THR A 267 -6.79 3.69 33.03
C THR A 267 -7.97 4.60 33.38
N ASN A 268 -8.52 4.45 34.58
CA ASN A 268 -9.63 5.33 35.00
C ASN A 268 -9.18 6.74 35.42
N SER A 269 -10.15 7.59 35.80
CA SER A 269 -9.84 8.98 36.18
C SER A 269 -9.00 9.09 37.44
N LYS A 270 -8.97 8.03 38.24
CA LYS A 270 -8.15 8.02 39.43
C LYS A 270 -6.72 7.53 39.15
N GLY A 271 -6.41 7.27 37.88
CA GLY A 271 -5.08 6.79 37.55
C GLY A 271 -4.86 5.30 37.82
N GLN A 272 -5.92 4.59 38.18
CA GLN A 272 -5.81 3.16 38.47
C GLN A 272 -5.98 2.25 37.25
N ASN A 273 -5.19 1.17 37.22
CA ASN A 273 -5.23 0.22 36.13
C ASN A 273 -6.63 -0.40 36.07
N CYS A 274 -7.33 -0.15 34.98
CA CYS A 274 -8.71 -0.60 34.83
C CYS A 274 -8.90 -1.88 33.99
N GLY A 275 -8.10 -2.04 32.94
CA GLY A 275 -8.24 -3.23 32.12
C GLY A 275 -7.47 -3.16 30.81
N TYR A 276 -7.83 -4.04 29.90
CA TYR A 276 -7.18 -4.06 28.61
C TYR A 276 -8.20 -4.09 27.47
N ARG A 277 -7.91 -3.33 26.41
CA ARG A 277 -8.80 -3.28 25.23
C ARG A 277 -8.18 -4.00 24.02
N ARG A 278 -8.97 -4.76 23.29
CA ARG A 278 -8.48 -5.44 22.09
C ARG A 278 -9.46 -5.17 20.96
N CYS A 279 -10.07 -3.99 21.02
CA CYS A 279 -11.03 -3.59 19.99
C CYS A 279 -10.93 -2.10 19.71
N ARG A 280 -11.86 -1.58 18.92
CA ARG A 280 -11.87 -0.16 18.56
C ARG A 280 -12.05 0.79 19.76
N ALA A 281 -11.14 1.77 19.89
CA ALA A 281 -11.28 2.77 20.95
C ALA A 281 -12.18 3.83 20.29
N SER A 282 -13.16 4.36 21.03
CA SER A 282 -14.03 5.38 20.44
C SER A 282 -13.33 6.73 20.29
N GLY A 283 -12.44 7.05 21.22
CA GLY A 283 -11.78 8.35 21.19
C GLY A 283 -10.46 8.58 20.48
N VAL A 284 -10.33 8.09 19.26
CA VAL A 284 -9.10 8.31 18.50
C VAL A 284 -9.46 8.88 17.13
N LEU A 285 -8.49 9.43 16.43
CA LEU A 285 -8.73 10.05 15.13
C LEU A 285 -9.21 9.17 13.99
N THR A 286 -8.81 7.89 14.00
CA THR A 286 -9.20 7.01 12.93
C THR A 286 -10.52 6.25 13.15
N THR A 287 -11.20 6.48 14.27
CA THR A 287 -12.44 5.74 14.55
C THR A 287 -13.50 5.81 13.44
N SER A 288 -13.87 7.03 13.07
CA SER A 288 -14.87 7.25 12.04
C SER A 288 -14.45 6.61 10.73
N CYS A 289 -13.26 6.94 10.27
CA CYS A 289 -12.74 6.39 9.02
C CYS A 289 -12.56 4.87 9.12
N GLY A 290 -11.90 4.41 10.18
CA GLY A 290 -11.73 2.98 10.40
C GLY A 290 -13.05 2.21 10.46
N ASN A 291 -14.07 2.75 11.13
CA ASN A 291 -15.37 2.07 11.18
C ASN A 291 -16.10 2.08 9.83
N THR A 292 -15.96 3.17 9.09
CA THR A 292 -16.60 3.30 7.78
C THR A 292 -16.01 2.28 6.80
N LEU A 293 -14.68 2.22 6.75
CA LEU A 293 -13.99 1.31 5.85
C LEU A 293 -14.33 -0.15 6.21
N THR A 294 -14.22 -0.49 7.49
CA THR A 294 -14.51 -1.84 7.96
C THR A 294 -15.98 -2.25 7.71
N CYS A 295 -16.90 -1.34 8.00
CA CYS A 295 -18.30 -1.61 7.79
C CYS A 295 -18.59 -1.75 6.28
N TYR A 296 -17.96 -0.90 5.47
CA TYR A 296 -18.13 -0.96 4.02
C TYR A 296 -17.54 -2.27 3.47
N LEU A 297 -16.38 -2.66 3.98
CA LEU A 297 -15.75 -3.90 3.54
C LEU A 297 -16.64 -5.14 3.83
N LYS A 298 -17.03 -5.29 5.09
CA LYS A 298 -17.84 -6.42 5.49
C LYS A 298 -19.17 -6.48 4.78
N ALA A 299 -19.90 -5.36 4.76
CA ALA A 299 -21.23 -5.30 4.13
C ALA A 299 -21.18 -5.52 2.64
N THR A 300 -20.16 -5.01 1.98
CA THR A 300 -20.06 -5.21 0.55
C THR A 300 -19.86 -6.69 0.22
N ALA A 301 -18.96 -7.34 0.95
CA ALA A 301 -18.70 -8.75 0.70
C ALA A 301 -19.93 -9.58 1.11
N ALA A 302 -20.62 -9.16 2.17
CA ALA A 302 -21.80 -9.87 2.63
C ALA A 302 -22.90 -9.83 1.57
N CYS A 303 -23.05 -8.68 0.91
CA CYS A 303 -24.05 -8.51 -0.15
C CYS A 303 -23.75 -9.51 -1.27
N ARG A 304 -22.47 -9.69 -1.58
CA ARG A 304 -22.08 -10.64 -2.61
C ARG A 304 -22.44 -12.06 -2.16
N ALA A 305 -22.22 -12.39 -0.89
CA ALA A 305 -22.53 -13.73 -0.42
C ALA A 305 -24.04 -13.98 -0.35
N ALA A 306 -24.79 -12.92 -0.07
CA ALA A 306 -26.23 -13.01 0.07
C ALA A 306 -27.00 -12.96 -1.26
N LYS A 307 -26.27 -12.78 -2.35
CA LYS A 307 -26.91 -12.70 -3.64
C LYS A 307 -27.95 -11.55 -3.77
N LEU A 308 -27.72 -10.45 -3.06
CA LEU A 308 -28.61 -9.29 -3.19
C LEU A 308 -28.35 -8.67 -4.56
N GLN A 309 -29.40 -8.25 -5.27
CA GLN A 309 -29.20 -7.70 -6.60
C GLN A 309 -29.08 -6.19 -6.63
N ASP A 310 -28.21 -5.72 -7.53
CA ASP A 310 -27.95 -4.28 -7.74
C ASP A 310 -27.89 -3.48 -6.41
N CYS A 311 -27.07 -3.96 -5.50
CA CYS A 311 -26.91 -3.29 -4.22
C CYS A 311 -26.29 -1.90 -4.29
N THR A 312 -26.87 -0.98 -3.53
CA THR A 312 -26.33 0.37 -3.41
C THR A 312 -26.35 0.69 -1.92
N MET A 313 -25.18 0.87 -1.31
CA MET A 313 -25.14 1.20 0.11
C MET A 313 -24.55 2.58 0.44
N LEU A 314 -24.89 3.05 1.62
CA LEU A 314 -24.44 4.34 2.09
C LEU A 314 -23.92 4.03 3.47
N VAL A 315 -22.68 4.40 3.73
CA VAL A 315 -22.08 4.14 5.01
C VAL A 315 -21.52 5.37 5.72
N ASN A 316 -21.82 5.46 7.02
CA ASN A 316 -21.35 6.53 7.92
C ASN A 316 -20.87 5.87 9.21
N GLY A 317 -19.56 5.68 9.32
CA GLY A 317 -19.04 5.04 10.50
C GLY A 317 -19.60 3.62 10.60
N ASP A 318 -20.26 3.31 11.70
CA ASP A 318 -20.83 1.97 11.83
C ASP A 318 -22.24 1.92 11.23
N ASP A 319 -22.80 3.09 10.93
CA ASP A 319 -24.15 3.19 10.37
C ASP A 319 -24.20 2.74 8.91
N LEU A 320 -25.10 1.81 8.63
CA LEU A 320 -25.26 1.27 7.28
C LEU A 320 -26.69 1.19 6.73
N VAL A 321 -26.86 1.58 5.47
CA VAL A 321 -28.18 1.49 4.86
C VAL A 321 -27.94 0.93 3.48
N VAL A 322 -28.77 -0.02 3.08
CA VAL A 322 -28.63 -0.65 1.77
C VAL A 322 -29.93 -0.57 0.99
N ILE A 323 -29.82 -0.33 -0.30
CA ILE A 323 -31.00 -0.26 -1.16
C ILE A 323 -30.69 -1.16 -2.35
N CYS A 324 -31.64 -2.01 -2.70
CA CYS A 324 -31.41 -2.91 -3.82
C CYS A 324 -32.65 -3.17 -4.65
N GLU A 325 -32.50 -4.08 -5.63
CA GLU A 325 -33.58 -4.52 -6.51
C GLU A 325 -34.34 -5.69 -5.84
N SER A 326 -35.59 -5.47 -5.45
CA SER A 326 -36.38 -6.54 -4.84
C SER A 326 -36.53 -7.78 -5.75
N ALA A 327 -36.45 -8.96 -5.15
CA ALA A 327 -36.61 -10.22 -5.88
C ALA A 327 -37.92 -10.88 -5.44
N GLY A 328 -38.74 -10.15 -4.70
CA GLY A 328 -39.99 -10.71 -4.22
C GLY A 328 -39.92 -10.75 -2.71
N THR A 329 -41.08 -10.64 -2.07
CA THR A 329 -41.17 -10.63 -0.60
C THR A 329 -40.38 -11.73 0.10
N GLN A 330 -40.59 -12.98 -0.34
CA GLN A 330 -39.95 -14.16 0.25
C GLN A 330 -38.46 -14.19 -0.01
N GLU A 331 -38.08 -13.96 -1.26
CA GLU A 331 -36.68 -13.94 -1.62
C GLU A 331 -35.91 -12.86 -0.87
N ASP A 332 -36.51 -11.68 -0.77
CA ASP A 332 -35.87 -10.55 -0.08
C ASP A 332 -35.58 -10.89 1.38
N ALA A 333 -36.56 -11.48 2.05
CA ALA A 333 -36.40 -11.87 3.42
C ALA A 333 -35.23 -12.88 3.58
N ALA A 334 -35.24 -13.90 2.73
CA ALA A 334 -34.20 -14.91 2.78
C ALA A 334 -32.83 -14.28 2.52
N ALA A 335 -32.70 -13.53 1.43
CA ALA A 335 -31.42 -12.89 1.11
C ALA A 335 -30.88 -11.98 2.22
N LEU A 336 -31.77 -11.24 2.88
CA LEU A 336 -31.42 -10.34 3.98
C LEU A 336 -30.91 -11.20 5.14
N ARG A 337 -31.62 -12.28 5.42
CA ARG A 337 -31.25 -13.20 6.48
C ARG A 337 -29.85 -13.77 6.21
N ALA A 338 -29.59 -14.08 4.95
CA ALA A 338 -28.30 -14.61 4.49
C ALA A 338 -27.20 -13.52 4.66
N PHE A 339 -27.56 -12.27 4.35
CA PHE A 339 -26.64 -11.16 4.47
C PHE A 339 -26.20 -11.10 5.94
N THR A 340 -27.16 -11.25 6.83
CA THR A 340 -26.89 -11.20 8.26
C THR A 340 -25.97 -12.33 8.76
N GLU A 341 -26.15 -13.55 8.27
CA GLU A 341 -25.30 -14.64 8.69
C GLU A 341 -23.90 -14.38 8.16
N ALA A 342 -23.83 -13.77 6.99
CA ALA A 342 -22.53 -13.42 6.40
C ALA A 342 -21.79 -12.33 7.26
N MET A 343 -22.53 -11.30 7.68
CA MET A 343 -21.95 -10.22 8.50
C MET A 343 -21.56 -10.78 9.88
N THR A 344 -22.34 -11.76 10.33
CA THR A 344 -22.09 -12.40 11.60
C THR A 344 -20.73 -13.10 11.55
N ARG A 345 -20.47 -13.86 10.49
CA ARG A 345 -19.20 -14.56 10.37
C ARG A 345 -18.04 -13.59 10.29
N TYR A 346 -18.30 -12.37 9.81
CA TYR A 346 -17.26 -11.35 9.71
C TYR A 346 -17.12 -10.61 11.04
N SER A 347 -17.78 -11.12 12.08
CA SER A 347 -17.73 -10.50 13.40
C SER A 347 -18.44 -9.15 13.42
N ALA A 348 -19.66 -9.13 12.90
CA ALA A 348 -20.48 -7.93 12.85
C ALA A 348 -21.93 -8.36 13.02
N PRO A 349 -22.24 -9.06 14.12
CA PRO A 349 -23.59 -9.54 14.40
C PRO A 349 -24.60 -8.38 14.59
N PRO A 350 -25.87 -8.63 14.26
CA PRO A 350 -26.93 -7.62 14.36
C PRO A 350 -27.41 -7.30 15.77
N GLY A 351 -27.80 -6.06 15.97
CA GLY A 351 -28.36 -5.67 17.25
C GLY A 351 -29.85 -5.76 16.96
N ASP A 352 -30.41 -4.68 16.41
CA ASP A 352 -31.82 -4.72 16.05
C ASP A 352 -31.86 -5.65 14.85
N PRO A 353 -32.81 -6.59 14.82
CA PRO A 353 -32.93 -7.52 13.68
C PRO A 353 -33.26 -6.76 12.38
N PRO A 354 -32.46 -6.94 11.34
CA PRO A 354 -32.77 -6.24 10.08
C PRO A 354 -34.06 -6.72 9.44
N GLN A 355 -34.80 -5.78 8.86
CA GLN A 355 -36.07 -6.09 8.21
C GLN A 355 -36.15 -5.37 6.86
N PRO A 356 -36.65 -6.07 5.83
CA PRO A 356 -36.75 -5.42 4.51
C PRO A 356 -37.82 -4.33 4.55
N GLU A 357 -37.62 -3.28 3.77
CA GLU A 357 -38.56 -2.17 3.74
C GLU A 357 -38.89 -1.78 2.31
N TYR A 358 -40.15 -1.43 2.07
CA TYR A 358 -40.59 -1.06 0.74
C TYR A 358 -41.08 0.38 0.67
N ASP A 359 -41.00 1.06 1.80
CA ASP A 359 -41.40 2.47 1.89
C ASP A 359 -40.18 3.26 2.36
N LEU A 360 -39.56 4.03 1.44
CA LEU A 360 -38.36 4.81 1.77
C LEU A 360 -38.43 5.58 3.10
N GLU A 361 -39.57 6.23 3.35
CA GLU A 361 -39.75 7.02 4.57
C GLU A 361 -39.55 6.26 5.89
N LEU A 362 -39.81 4.95 5.87
CA LEU A 362 -39.67 4.12 7.08
C LEU A 362 -38.24 3.64 7.32
N ILE A 363 -37.36 3.90 6.37
CA ILE A 363 -35.97 3.46 6.53
C ILE A 363 -35.17 4.48 7.34
N THR A 364 -34.68 4.02 8.49
CA THR A 364 -33.92 4.87 9.39
C THR A 364 -32.46 4.49 9.39
N SER A 365 -31.62 5.46 9.06
CA SER A 365 -30.16 5.31 9.01
C SER A 365 -29.59 6.61 9.54
N CYS A 366 -28.55 6.52 10.35
CA CYS A 366 -27.93 7.69 10.95
C CYS A 366 -28.99 8.41 11.80
N SER A 367 -29.87 7.61 12.40
CA SER A 367 -30.95 8.12 13.23
C SER A 367 -31.86 9.12 12.51
N SER A 368 -31.91 9.05 11.19
CA SER A 368 -32.74 9.97 10.46
C SER A 368 -33.42 9.29 9.28
N ASN A 369 -34.39 9.97 8.67
CA ASN A 369 -35.09 9.38 7.54
C ASN A 369 -35.54 10.42 6.55
N VAL A 370 -35.79 9.99 5.32
CA VAL A 370 -36.25 10.89 4.28
C VAL A 370 -37.76 11.06 4.41
N SER A 371 -38.22 12.28 4.19
CA SER A 371 -39.65 12.57 4.23
C SER A 371 -39.92 13.63 3.19
N VAL A 372 -41.18 14.02 3.03
CA VAL A 372 -41.50 14.98 2.00
C VAL A 372 -42.49 16.02 2.48
N ALA A 373 -42.40 17.20 1.88
CA ALA A 373 -43.31 18.27 2.21
C ALA A 373 -43.48 19.14 0.95
N HIS A 374 -44.13 20.30 1.07
CA HIS A 374 -44.37 21.14 -0.10
C HIS A 374 -43.96 22.58 0.13
N ASP A 375 -43.46 23.22 -0.92
CA ASP A 375 -43.05 24.62 -0.85
C ASP A 375 -44.23 25.56 -1.08
N ALA A 376 -43.96 26.86 -1.07
CA ALA A 376 -45.01 27.86 -1.24
C ALA A 376 -45.79 27.68 -2.53
N SER A 377 -45.12 27.17 -3.55
CA SER A 377 -45.77 26.93 -4.84
C SER A 377 -46.45 25.57 -4.94
N GLY A 378 -46.55 24.84 -3.83
CA GLY A 378 -47.16 23.52 -3.86
C GLY A 378 -46.27 22.39 -4.38
N LYS A 379 -45.04 22.71 -4.74
CA LYS A 379 -44.10 21.71 -5.25
C LYS A 379 -43.59 20.76 -4.17
N ARG A 380 -43.52 19.48 -4.51
CA ARG A 380 -43.02 18.46 -3.58
C ARG A 380 -41.53 18.66 -3.37
N VAL A 381 -41.08 18.57 -2.12
CA VAL A 381 -39.66 18.70 -1.81
C VAL A 381 -39.30 17.71 -0.70
N TYR A 382 -38.26 16.91 -0.97
CA TYR A 382 -37.80 15.90 -0.03
C TYR A 382 -36.78 16.50 0.90
N TYR A 383 -36.77 16.05 2.16
CA TYR A 383 -35.84 16.57 3.17
C TYR A 383 -35.54 15.49 4.22
N LEU A 384 -34.51 15.72 5.04
CA LEU A 384 -34.14 14.79 6.08
C LEU A 384 -34.75 15.21 7.42
N THR A 385 -35.24 14.23 8.15
CA THR A 385 -35.82 14.48 9.46
C THR A 385 -35.43 13.33 10.38
N ARG A 386 -35.94 13.36 11.60
CA ARG A 386 -35.66 12.29 12.56
C ARG A 386 -36.62 12.49 13.71
N ASP A 387 -36.72 11.49 14.57
CA ASP A 387 -37.58 11.61 15.75
C ASP A 387 -36.92 12.74 16.55
N PRO A 388 -37.71 13.73 16.98
CA PRO A 388 -37.27 14.90 17.73
C PRO A 388 -37.07 14.74 19.23
N THR A 389 -37.39 13.57 19.76
CA THR A 389 -37.28 13.32 21.17
C THR A 389 -35.91 13.67 21.76
N THR A 390 -34.87 13.03 21.26
CA THR A 390 -33.55 13.29 21.78
C THR A 390 -33.16 14.75 21.58
N PRO A 391 -33.34 15.29 20.36
CA PRO A 391 -33.00 16.70 20.10
C PRO A 391 -33.65 17.66 21.10
N LEU A 392 -34.93 17.46 21.41
CA LEU A 392 -35.62 18.34 22.33
C LEU A 392 -35.14 18.13 23.77
N ALA A 393 -34.84 16.88 24.11
CA ALA A 393 -34.38 16.56 25.46
C ALA A 393 -33.05 17.27 25.68
N ARG A 394 -32.16 17.16 24.71
CA ARG A 394 -30.87 17.80 24.80
C ARG A 394 -30.98 19.32 24.76
N ALA A 395 -31.94 19.85 23.99
CA ALA A 395 -32.15 21.30 23.90
C ALA A 395 -32.51 21.83 25.27
N ALA A 396 -33.35 21.08 25.98
CA ALA A 396 -33.78 21.49 27.31
C ALA A 396 -32.63 21.49 28.33
N TRP A 397 -31.79 20.47 28.24
CA TRP A 397 -30.66 20.36 29.15
C TRP A 397 -29.70 21.51 28.90
N GLU A 398 -29.46 21.80 27.63
CA GLU A 398 -28.55 22.88 27.26
C GLU A 398 -29.11 24.26 27.62
N THR A 399 -30.43 24.35 27.76
CA THR A 399 -31.12 25.58 28.14
C THR A 399 -30.91 25.82 29.64
N ALA A 400 -30.83 24.72 30.39
CA ALA A 400 -30.64 24.80 31.84
C ALA A 400 -29.18 24.93 32.26
N ARG A 401 -28.28 24.29 31.51
CA ARG A 401 -26.84 24.30 31.81
C ARG A 401 -26.02 24.71 30.61
N HIS A 402 -24.86 25.29 30.87
CA HIS A 402 -23.97 25.70 29.81
C HIS A 402 -23.17 24.47 29.40
N THR A 403 -22.87 24.39 28.11
CA THR A 403 -22.15 23.26 27.59
C THR A 403 -21.23 23.71 26.46
N PRO A 404 -20.08 23.03 26.31
CA PRO A 404 -19.08 23.32 25.28
C PRO A 404 -19.73 23.26 23.91
N ILE A 405 -20.47 22.19 23.67
CA ILE A 405 -21.15 21.99 22.39
C ILE A 405 -22.65 22.18 22.58
N ASN A 406 -23.28 22.86 21.62
CA ASN A 406 -24.72 23.15 21.66
C ASN A 406 -25.39 22.35 20.57
N SER A 407 -25.88 21.17 20.91
CA SER A 407 -26.54 20.31 19.94
C SER A 407 -27.76 20.94 19.27
N TRP A 408 -28.43 21.85 19.97
CA TRP A 408 -29.58 22.55 19.40
C TRP A 408 -29.17 23.38 18.16
N LEU A 409 -28.04 24.09 18.23
CA LEU A 409 -27.56 24.89 17.10
C LEU A 409 -27.25 23.96 15.93
N GLY A 410 -26.54 22.87 16.20
CA GLY A 410 -26.26 21.91 15.14
C GLY A 410 -27.54 21.29 14.56
N ASN A 411 -28.50 20.98 15.44
CA ASN A 411 -29.77 20.39 15.01
C ASN A 411 -30.60 21.33 14.14
N ILE A 412 -30.50 22.64 14.40
CA ILE A 412 -31.22 23.64 13.62
C ILE A 412 -30.59 23.71 12.24
N ILE A 413 -29.27 23.63 12.20
CA ILE A 413 -28.53 23.66 10.94
C ILE A 413 -28.84 22.42 10.08
N MET A 414 -28.69 21.25 10.69
CA MET A 414 -28.92 20.03 9.95
C MET A 414 -30.39 19.73 9.64
N TYR A 415 -31.29 20.13 10.53
CA TYR A 415 -32.70 19.86 10.32
C TYR A 415 -33.55 21.11 10.09
N ALA A 416 -32.95 22.13 9.44
CA ALA A 416 -33.66 23.40 9.19
C ALA A 416 -35.04 23.28 8.53
N PRO A 417 -35.20 22.34 7.61
CA PRO A 417 -36.48 22.18 6.93
C PRO A 417 -37.62 21.60 7.75
N THR A 418 -37.29 20.85 8.81
CA THR A 418 -38.29 20.17 9.64
C THR A 418 -39.28 21.01 10.40
N LEU A 419 -40.44 20.42 10.59
CA LEU A 419 -41.53 21.03 11.31
C LEU A 419 -41.13 21.34 12.75
N TRP A 420 -40.45 20.39 13.39
CA TRP A 420 -40.05 20.56 14.80
C TRP A 420 -38.88 21.50 15.04
N ALA A 421 -37.89 21.49 14.15
CA ALA A 421 -36.76 22.37 14.33
C ALA A 421 -37.18 23.84 14.17
N ARG A 422 -38.04 24.09 13.18
CA ARG A 422 -38.51 25.44 12.91
C ARG A 422 -39.48 25.98 14.00
N MET A 423 -40.54 25.23 14.24
CA MET A 423 -41.54 25.62 15.23
C MET A 423 -41.01 25.79 16.65
N ILE A 424 -40.14 24.88 17.08
CA ILE A 424 -39.65 24.88 18.45
C ILE A 424 -38.23 25.37 18.71
N LEU A 425 -37.24 24.67 18.14
CA LEU A 425 -35.85 25.04 18.32
C LEU A 425 -35.59 26.50 17.94
N MET A 426 -35.92 26.90 16.72
CA MET A 426 -35.68 28.28 16.31
C MET A 426 -36.40 29.31 17.20
N THR A 427 -37.69 29.09 17.44
CA THR A 427 -38.48 30.00 18.26
C THR A 427 -37.93 30.08 19.67
N HIS A 428 -37.70 28.94 20.30
CA HIS A 428 -37.19 28.89 21.65
C HIS A 428 -35.85 29.61 21.88
N PHE A 429 -34.84 29.24 21.10
CA PHE A 429 -33.53 29.83 21.26
C PHE A 429 -33.36 31.28 20.81
N PHE A 430 -34.02 31.69 19.74
CA PHE A 430 -33.91 33.11 19.36
C PHE A 430 -34.56 33.98 20.45
N SER A 431 -35.63 33.46 21.07
CA SER A 431 -36.31 34.17 22.15
C SER A 431 -35.32 34.36 23.31
N ILE A 432 -34.60 33.31 23.66
CA ILE A 432 -33.64 33.39 24.75
C ILE A 432 -32.42 34.26 24.42
N LEU A 433 -31.88 34.06 23.23
CA LEU A 433 -30.73 34.85 22.79
C LEU A 433 -31.05 36.36 22.74
N LEU A 434 -32.22 36.70 22.20
CA LEU A 434 -32.60 38.11 22.09
C LEU A 434 -32.88 38.69 23.49
N ALA A 435 -33.46 37.89 24.36
CA ALA A 435 -33.73 38.37 25.71
C ALA A 435 -32.42 38.63 26.45
N GLN A 436 -31.46 37.73 26.32
CA GLN A 436 -30.17 37.89 26.99
C GLN A 436 -29.17 38.70 26.19
N GLU A 437 -29.61 39.26 25.06
CA GLU A 437 -28.75 40.06 24.19
C GLU A 437 -27.45 39.32 23.84
N GLN A 438 -27.59 38.14 23.25
CA GLN A 438 -26.42 37.34 22.86
C GLN A 438 -26.50 36.83 21.41
N LEU A 439 -27.31 37.50 20.60
CA LEU A 439 -27.45 37.14 19.19
C LEU A 439 -26.13 37.27 18.44
N GLU A 440 -25.26 38.18 18.91
CA GLU A 440 -23.94 38.41 18.30
C GLU A 440 -22.89 37.37 18.73
N LYS A 441 -23.11 36.74 19.88
CA LYS A 441 -22.18 35.75 20.41
C LYS A 441 -22.15 34.38 19.69
N ALA A 442 -21.02 34.09 19.06
CA ALA A 442 -20.83 32.84 18.35
C ALA A 442 -20.74 31.68 19.34
N LEU A 443 -21.31 30.52 18.97
CA LEU A 443 -21.32 29.36 19.85
C LEU A 443 -20.80 28.16 19.08
N ASP A 444 -20.35 27.14 19.81
CA ASP A 444 -19.83 25.94 19.17
C ASP A 444 -20.90 24.85 19.02
N CYS A 445 -20.78 24.08 17.96
CA CYS A 445 -21.65 22.95 17.69
C CYS A 445 -20.84 21.94 16.91
N GLN A 446 -21.41 20.78 16.63
CA GLN A 446 -20.70 19.77 15.88
C GLN A 446 -21.47 19.36 14.64
N ILE A 447 -20.73 19.06 13.59
CA ILE A 447 -21.29 18.60 12.34
C ILE A 447 -20.41 17.41 11.91
N TYR A 448 -21.02 16.22 11.91
CA TYR A 448 -20.34 14.99 11.58
C TYR A 448 -19.15 14.78 12.52
N GLY A 449 -19.33 15.20 13.77
CA GLY A 449 -18.28 15.04 14.74
C GLY A 449 -17.29 16.18 14.93
N ALA A 450 -17.12 17.03 13.92
CA ALA A 450 -16.18 18.14 13.99
C ALA A 450 -16.83 19.38 14.61
N CYS A 451 -16.07 20.06 15.46
CA CYS A 451 -16.55 21.25 16.15
C CYS A 451 -16.39 22.50 15.30
N TYR A 452 -17.45 23.31 15.24
CA TYR A 452 -17.46 24.59 14.50
C TYR A 452 -17.99 25.74 15.36
N SER A 453 -17.56 26.94 15.01
CA SER A 453 -17.99 28.12 15.74
C SER A 453 -18.95 28.88 14.82
N ILE A 454 -20.20 29.03 15.22
CA ILE A 454 -21.17 29.69 14.35
C ILE A 454 -21.99 30.77 15.02
N GLU A 455 -22.07 31.92 14.36
CA GLU A 455 -22.86 33.03 14.88
C GLU A 455 -24.32 32.79 14.54
N PRO A 456 -25.18 32.76 15.57
CA PRO A 456 -26.63 32.55 15.40
C PRO A 456 -27.22 33.42 14.29
N LEU A 457 -26.64 34.60 14.09
CA LEU A 457 -27.15 35.54 13.10
C LEU A 457 -26.96 35.18 11.64
N ASP A 458 -26.03 34.27 11.37
CA ASP A 458 -25.77 33.84 10.00
C ASP A 458 -26.64 32.64 9.57
N LEU A 459 -27.49 32.15 10.48
CA LEU A 459 -28.35 31.00 10.19
C LEU A 459 -29.17 31.12 8.91
N PRO A 460 -29.70 32.33 8.62
CA PRO A 460 -30.49 32.49 7.41
C PRO A 460 -29.72 32.11 6.16
N GLN A 461 -28.53 32.69 6.03
CA GLN A 461 -27.65 32.44 4.89
C GLN A 461 -27.32 30.97 4.86
N ILE A 462 -26.82 30.48 5.99
CA ILE A 462 -26.44 29.09 6.12
C ILE A 462 -27.54 28.16 5.63
N ILE A 463 -28.73 28.30 6.20
CA ILE A 463 -29.86 27.48 5.84
C ILE A 463 -30.20 27.52 4.37
N GLU A 464 -30.14 28.72 3.75
CA GLU A 464 -30.44 28.83 2.32
C GLU A 464 -29.45 28.05 1.49
N ARG A 465 -28.16 28.21 1.82
CA ARG A 465 -27.10 27.54 1.08
C ARG A 465 -27.14 26.02 1.20
N LEU A 466 -27.44 25.53 2.40
CA LEU A 466 -27.50 24.10 2.63
C LEU A 466 -28.81 23.44 2.21
N HIS A 467 -29.93 24.11 2.44
CA HIS A 467 -31.23 23.53 2.14
C HIS A 467 -32.02 24.17 1.01
N GLY A 468 -31.70 25.41 0.66
CA GLY A 468 -32.45 26.08 -0.39
C GLY A 468 -33.53 26.95 0.26
N LEU A 469 -33.99 27.99 -0.43
CA LEU A 469 -34.99 28.87 0.14
C LEU A 469 -36.29 28.17 0.60
N SER A 470 -36.60 27.04 -0.02
CA SER A 470 -37.81 26.31 0.35
C SER A 470 -37.81 25.94 1.85
N ALA A 471 -36.63 25.97 2.47
CA ALA A 471 -36.55 25.64 3.88
C ALA A 471 -37.41 26.58 4.74
N PHE A 472 -37.66 27.77 4.23
CA PHE A 472 -38.43 28.75 4.97
C PHE A 472 -39.90 28.77 4.57
N THR A 473 -40.30 27.86 3.68
CA THR A 473 -41.70 27.82 3.20
C THR A 473 -42.39 26.44 3.23
N LEU A 474 -41.69 25.42 3.74
CA LEU A 474 -42.27 24.08 3.77
C LEU A 474 -43.53 24.06 4.61
N HIS A 475 -44.51 23.31 4.12
CA HIS A 475 -45.79 23.15 4.77
C HIS A 475 -46.43 21.87 4.22
N SER A 476 -47.54 21.47 4.81
CA SER A 476 -48.21 20.25 4.43
C SER A 476 -47.26 19.06 4.52
N TYR A 477 -46.78 18.76 5.73
CA TYR A 477 -45.87 17.62 5.97
C TYR A 477 -46.63 16.29 5.93
N SER A 478 -45.90 15.18 5.86
CA SER A 478 -46.57 13.90 5.79
C SER A 478 -47.30 13.58 7.11
N PRO A 479 -48.40 12.81 7.03
CA PRO A 479 -49.16 12.44 8.23
C PRO A 479 -48.24 11.66 9.18
N GLY A 480 -47.36 10.85 8.61
CA GLY A 480 -46.45 10.08 9.44
C GLY A 480 -45.54 11.00 10.24
N GLU A 481 -45.01 12.02 9.58
CA GLU A 481 -44.13 12.98 10.24
C GLU A 481 -44.94 13.77 11.27
N ILE A 482 -46.14 14.20 10.90
CA ILE A 482 -46.99 14.94 11.82
C ILE A 482 -47.38 14.11 13.06
N ASN A 483 -47.67 12.82 12.87
CA ASN A 483 -48.03 11.98 13.99
C ASN A 483 -46.84 11.74 14.92
N ARG A 484 -45.65 11.62 14.35
CA ARG A 484 -44.47 11.39 15.17
C ARG A 484 -44.17 12.61 16.02
N VAL A 485 -44.18 13.81 15.43
CA VAL A 485 -43.92 15.04 16.18
C VAL A 485 -44.96 15.24 17.28
N ALA A 486 -46.24 15.19 16.91
CA ALA A 486 -47.31 15.38 17.88
C ALA A 486 -47.13 14.40 19.05
N SER A 487 -46.81 13.16 18.72
CA SER A 487 -46.61 12.12 19.73
C SER A 487 -45.49 12.55 20.68
N CYS A 488 -44.40 13.03 20.09
CA CYS A 488 -43.28 13.51 20.87
C CYS A 488 -43.69 14.64 21.81
N LEU A 489 -44.42 15.63 21.29
CA LEU A 489 -44.83 16.75 22.10
C LEU A 489 -45.68 16.36 23.33
N ARG A 490 -46.63 15.46 23.12
CA ARG A 490 -47.48 15.00 24.21
C ARG A 490 -46.62 14.31 25.28
N LYS A 491 -45.70 13.47 24.83
CA LYS A 491 -44.83 12.72 25.72
C LYS A 491 -43.96 13.61 26.59
N LEU A 492 -43.25 14.54 25.96
CA LEU A 492 -42.37 15.44 26.70
C LEU A 492 -43.08 16.61 27.38
N GLY A 493 -44.36 16.78 27.08
CA GLY A 493 -45.07 17.90 27.66
C GLY A 493 -44.60 19.22 27.03
N VAL A 494 -44.47 19.21 25.71
CA VAL A 494 -44.05 20.38 24.95
C VAL A 494 -45.29 21.16 24.53
N PRO A 495 -45.29 22.50 24.72
CA PRO A 495 -46.45 23.34 24.36
C PRO A 495 -46.83 23.12 22.90
N PRO A 496 -48.12 23.23 22.58
CA PRO A 496 -48.68 23.05 21.22
C PRO A 496 -48.31 24.19 20.25
N LEU A 497 -48.51 23.93 18.96
CA LEU A 497 -48.23 24.88 17.89
C LEU A 497 -48.74 26.29 18.22
N ARG A 498 -50.00 26.39 18.63
CA ARG A 498 -50.56 27.71 18.94
C ARG A 498 -49.68 28.54 19.85
N THR A 499 -49.12 27.93 20.90
CA THR A 499 -48.25 28.64 21.83
C THR A 499 -46.94 29.07 21.13
N TRP A 500 -46.34 28.18 20.35
CA TRP A 500 -45.10 28.51 19.64
C TRP A 500 -45.34 29.59 18.59
N ARG A 501 -46.48 29.52 17.90
CA ARG A 501 -46.82 30.52 16.90
C ARG A 501 -46.85 31.93 17.53
N HIS A 502 -47.46 32.04 18.71
CA HIS A 502 -47.52 33.33 19.42
C HIS A 502 -46.14 33.81 19.85
N ARG A 503 -45.33 32.91 20.43
CA ARG A 503 -43.97 33.28 20.82
C ARG A 503 -43.17 33.65 19.57
N ALA A 504 -43.39 32.90 18.50
CA ALA A 504 -42.64 33.17 17.26
C ALA A 504 -42.98 34.56 16.67
N ARG A 505 -44.25 34.94 16.73
CA ARG A 505 -44.66 36.23 16.21
C ARG A 505 -44.01 37.33 17.03
N SER A 506 -43.95 37.15 18.34
CA SER A 506 -43.32 38.17 19.18
C SER A 506 -41.79 38.26 18.89
N VAL A 507 -41.15 37.10 18.84
CA VAL A 507 -39.71 37.03 18.58
C VAL A 507 -39.40 37.72 17.25
N ARG A 508 -40.21 37.43 16.26
CA ARG A 508 -40.06 38.02 14.94
C ARG A 508 -40.19 39.56 14.94
N ALA A 509 -41.23 40.09 15.61
CA ALA A 509 -41.46 41.54 15.68
C ALA A 509 -40.22 42.23 16.25
N LYS A 510 -39.71 41.72 17.37
CA LYS A 510 -38.49 42.27 17.98
C LYS A 510 -37.25 42.16 17.04
N LEU A 511 -37.10 41.02 16.36
CA LEU A 511 -35.96 40.85 15.45
C LEU A 511 -36.01 41.86 14.29
N LEU A 512 -37.21 42.08 13.77
CA LEU A 512 -37.41 43.01 12.68
C LEU A 512 -37.06 44.44 13.09
N SER A 513 -37.41 44.82 14.32
CA SER A 513 -37.17 46.20 14.78
C SER A 513 -35.71 46.47 15.01
N GLN A 514 -34.89 45.43 15.05
CA GLN A 514 -33.47 45.65 15.26
C GLN A 514 -32.74 45.86 13.94
N GLY A 515 -33.41 45.55 12.83
CA GLY A 515 -32.77 45.70 11.53
C GLY A 515 -31.56 44.79 11.39
N GLY A 516 -30.72 45.05 10.38
CA GLY A 516 -29.54 44.24 10.13
C GLY A 516 -29.82 42.73 10.01
N ARG A 517 -28.86 41.93 10.43
CA ARG A 517 -29.02 40.48 10.39
C ARG A 517 -30.20 39.95 11.23
N ALA A 518 -30.50 40.61 12.35
CA ALA A 518 -31.61 40.18 13.22
C ALA A 518 -32.91 40.23 12.46
N ALA A 519 -33.10 41.34 11.76
CA ALA A 519 -34.31 41.54 10.97
C ALA A 519 -34.36 40.47 9.89
N THR A 520 -33.20 40.07 9.41
CA THR A 520 -33.12 39.04 8.36
C THR A 520 -33.55 37.68 8.93
N CYS A 521 -33.26 37.46 10.20
CA CYS A 521 -33.65 36.22 10.87
C CYS A 521 -35.17 36.24 11.03
N GLY A 522 -35.69 37.38 11.49
CA GLY A 522 -37.12 37.49 11.71
C GLY A 522 -37.92 37.26 10.46
N ARG A 523 -37.44 37.79 9.34
CA ARG A 523 -38.11 37.66 8.06
C ARG A 523 -38.14 36.26 7.50
N TYR A 524 -36.98 35.64 7.37
CA TYR A 524 -36.87 34.30 6.80
C TYR A 524 -37.21 33.13 7.73
N LEU A 525 -36.62 33.12 8.92
CA LEU A 525 -36.83 32.04 9.88
C LEU A 525 -38.24 31.91 10.41
N PHE A 526 -38.90 33.03 10.63
CA PHE A 526 -40.25 33.02 11.20
C PHE A 526 -41.40 33.48 10.31
N ASN A 527 -41.21 33.44 8.99
CA ASN A 527 -42.26 33.87 8.06
C ASN A 527 -43.48 32.93 8.18
N TRP A 528 -43.22 31.69 8.58
CA TRP A 528 -44.27 30.71 8.76
C TRP A 528 -45.28 31.12 9.83
N ALA A 529 -44.84 31.93 10.79
CA ALA A 529 -45.69 32.35 11.90
C ALA A 529 -46.68 33.49 11.63
N VAL A 530 -46.49 34.20 10.53
CA VAL A 530 -47.38 35.30 10.19
C VAL A 530 -48.28 34.98 9.00
N ARG A 531 -49.40 35.69 8.93
CA ARG A 531 -50.35 35.51 7.83
C ARG A 531 -49.92 36.36 6.65
N THR A 532 -49.46 37.58 6.95
CA THR A 532 -49.00 38.50 5.91
C THR A 532 -47.57 38.12 5.53
N LYS A 533 -47.45 37.12 4.66
CA LYS A 533 -46.14 36.64 4.23
C LYS A 533 -45.31 37.70 3.56
N LEU A 534 -43.99 37.56 3.67
CA LEU A 534 -43.04 38.46 3.04
C LEU A 534 -42.43 37.69 1.86
N LYS A 535 -41.97 38.42 0.85
CA LYS A 535 -41.32 37.80 -0.29
C LYS A 535 -39.92 37.39 0.13
N LEU A 536 -39.64 36.10 0.04
CA LEU A 536 -38.33 35.61 0.44
C LEU A 536 -37.43 35.41 -0.78
N THR A 537 -36.54 36.38 -1.00
CA THR A 537 -35.62 36.32 -2.12
C THR A 537 -34.25 35.89 -1.63
N PRO A 538 -33.37 35.50 -2.57
CA PRO A 538 -32.02 35.04 -2.23
C PRO A 538 -31.31 36.06 -1.36
N ILE A 539 -30.62 35.59 -0.32
CA ILE A 539 -29.90 36.49 0.55
C ILE A 539 -28.52 36.64 -0.03
N PRO A 540 -28.05 37.90 -0.24
CA PRO A 540 -26.73 38.25 -0.80
C PRO A 540 -25.55 37.53 -0.17
N ALA A 541 -25.50 37.51 1.15
CA ALA A 541 -24.40 36.88 1.83
C ALA A 541 -24.44 35.35 1.68
N ALA A 542 -25.58 34.82 1.22
CA ALA A 542 -25.72 33.37 1.08
C ALA A 542 -24.71 32.81 0.11
N SER A 543 -24.82 33.25 -1.13
CA SER A 543 -23.93 32.76 -2.17
C SER A 543 -22.49 33.33 -2.02
N GLN A 544 -22.02 33.44 -0.79
CA GLN A 544 -20.68 33.96 -0.51
C GLN A 544 -20.09 33.22 0.68
N LEU A 545 -20.69 32.07 1.01
CA LEU A 545 -20.18 31.29 2.14
C LEU A 545 -19.33 30.11 1.67
N ASP A 546 -18.42 29.68 2.54
CA ASP A 546 -17.56 28.56 2.20
C ASP A 546 -17.93 27.35 3.04
N LEU A 547 -19.10 26.78 2.80
CA LEU A 547 -19.58 25.62 3.56
C LEU A 547 -19.12 24.25 3.08
N SER A 548 -18.41 24.23 1.96
CA SER A 548 -17.90 22.98 1.37
C SER A 548 -17.13 22.10 2.38
N GLY A 549 -16.27 22.73 3.18
CA GLY A 549 -15.49 22.01 4.19
C GLY A 549 -16.32 21.30 5.27
N TRP A 550 -17.59 21.67 5.39
CA TRP A 550 -18.47 21.05 6.38
C TRP A 550 -18.79 19.57 6.09
N PHE A 551 -18.81 19.21 4.81
CA PHE A 551 -19.17 17.84 4.44
C PHE A 551 -18.13 17.10 3.62
N VAL A 552 -16.99 16.86 4.26
CA VAL A 552 -15.89 16.16 3.64
C VAL A 552 -15.72 14.78 4.28
N ALA A 553 -15.69 14.74 5.61
CA ALA A 553 -15.53 13.46 6.30
C ALA A 553 -16.09 13.48 7.71
N GLY A 554 -16.18 12.29 8.32
CA GLY A 554 -16.65 12.17 9.68
C GLY A 554 -15.47 12.28 10.64
N TYR A 555 -15.71 12.77 11.84
CA TYR A 555 -14.63 12.93 12.83
C TYR A 555 -15.07 12.65 14.28
N SER A 556 -16.25 12.06 14.47
CA SER A 556 -16.70 11.78 15.83
C SER A 556 -15.61 11.09 16.66
N GLY A 557 -15.31 11.64 17.84
CA GLY A 557 -14.28 11.08 18.69
C GLY A 557 -12.87 11.45 18.21
N GLY A 558 -12.78 12.07 17.03
CA GLY A 558 -11.48 12.46 16.55
C GLY A 558 -10.89 13.74 17.13
N ASP A 559 -11.59 14.41 18.04
CA ASP A 559 -11.08 15.64 18.67
C ASP A 559 -10.64 16.65 17.60
N ILE A 560 -11.57 16.96 16.69
CA ILE A 560 -11.27 17.87 15.58
C ILE A 560 -12.03 19.19 15.69
N TYR A 561 -11.32 20.27 15.36
CA TYR A 561 -11.89 21.61 15.40
C TYR A 561 -11.60 22.30 14.06
N HIS A 562 -12.63 22.81 13.39
CA HIS A 562 -12.47 23.48 12.11
C HIS A 562 -12.68 24.98 12.24
N SER A 563 -11.61 25.76 12.16
CA SER A 563 -11.72 27.20 12.31
C SER A 563 -12.37 27.88 11.10
N SER B 1 21.93 14.54 -4.00
CA SER B 1 23.06 14.24 -3.09
C SER B 1 24.12 13.41 -3.82
N MET B 2 25.31 13.33 -3.23
CA MET B 2 26.40 12.54 -3.80
C MET B 2 26.11 11.03 -3.63
N SER B 3 26.33 10.24 -4.68
CA SER B 3 26.13 8.81 -4.64
C SER B 3 27.08 8.19 -3.61
N TYR B 4 28.26 8.80 -3.44
CA TYR B 4 29.26 8.29 -2.50
C TYR B 4 30.13 9.41 -1.91
N THR B 5 30.59 9.20 -0.68
CA THR B 5 31.53 10.12 -0.03
C THR B 5 32.67 9.18 0.37
N TRP B 6 33.92 9.61 0.20
CA TRP B 6 35.05 8.75 0.54
C TRP B 6 35.98 9.34 1.62
N THR B 7 36.39 8.48 2.56
CA THR B 7 37.27 8.89 3.66
C THR B 7 38.73 8.82 3.28
N GLY B 8 39.07 8.01 2.28
CA GLY B 8 40.44 7.85 1.86
C GLY B 8 40.87 6.40 2.02
N ALA B 9 40.29 5.72 3.01
CA ALA B 9 40.63 4.32 3.23
C ALA B 9 40.42 3.53 1.91
N LEU B 10 41.31 2.57 1.66
CA LEU B 10 41.21 1.78 0.43
C LEU B 10 40.23 0.60 0.47
N ILE B 11 39.74 0.26 -0.72
CA ILE B 11 38.86 -0.88 -0.85
C ILE B 11 39.88 -2.00 -0.93
N THR B 12 39.97 -2.79 0.13
CA THR B 12 40.92 -3.89 0.20
C THR B 12 40.37 -5.31 0.00
N PRO B 13 41.24 -6.23 -0.43
CA PRO B 13 40.86 -7.63 -0.65
C PRO B 13 41.04 -8.37 0.66
N CYS B 14 40.30 -9.47 0.86
CA CYS B 14 40.42 -10.26 2.08
C CYS B 14 41.49 -11.34 1.91
N ALA B 15 41.54 -11.93 0.73
CA ALA B 15 42.52 -12.97 0.44
C ALA B 15 43.37 -12.52 -0.76
N ALA B 16 44.31 -13.37 -1.17
CA ALA B 16 45.17 -13.08 -2.31
C ALA B 16 44.30 -12.91 -3.56
N GLU B 17 44.76 -12.07 -4.47
CA GLU B 17 43.99 -11.83 -5.69
C GLU B 17 44.74 -12.27 -6.96
N GLU B 18 44.12 -13.18 -7.70
CA GLU B 18 44.70 -13.68 -8.94
C GLU B 18 44.17 -12.78 -10.06
N SER B 19 45.05 -12.37 -10.98
CA SER B 19 44.67 -11.49 -12.08
C SER B 19 44.86 -12.07 -13.47
N LYS B 20 45.71 -13.08 -13.59
CA LYS B 20 45.97 -13.73 -14.88
C LYS B 20 45.86 -15.24 -14.76
N LEU B 21 45.83 -15.92 -16.01
CA LEU B 21 45.78 -17.37 -16.04
C LEU B 21 47.11 -17.92 -15.56
N PRO B 22 47.08 -19.06 -14.87
CA PRO B 22 48.30 -19.68 -14.34
C PRO B 22 49.36 -19.82 -15.44
N ILE B 23 50.63 -19.71 -15.08
CA ILE B 23 51.71 -19.83 -16.05
C ILE B 23 51.59 -21.18 -16.76
N ASN B 24 51.32 -21.14 -18.06
CA ASN B 24 51.14 -22.34 -18.87
C ASN B 24 49.91 -23.09 -18.38
N PRO B 25 48.73 -22.57 -18.74
CA PRO B 25 47.41 -23.09 -18.39
C PRO B 25 47.14 -24.49 -18.93
N LEU B 26 46.09 -25.11 -18.40
CA LEU B 26 45.66 -26.44 -18.82
C LEU B 26 44.61 -26.18 -19.89
N SER B 27 44.34 -24.90 -20.11
CA SER B 27 43.35 -24.46 -21.08
C SER B 27 43.98 -24.08 -22.40
N ASN B 28 45.28 -24.34 -22.55
CA ASN B 28 45.96 -24.00 -23.78
C ASN B 28 45.30 -24.73 -24.93
N SER B 29 44.63 -25.83 -24.61
CA SER B 29 43.92 -26.63 -25.59
C SER B 29 42.66 -25.87 -26.01
N LEU B 30 42.14 -25.07 -25.07
CA LEU B 30 40.95 -24.27 -25.32
C LEU B 30 41.39 -23.01 -26.08
N LEU B 31 42.28 -22.23 -25.47
CA LEU B 31 42.77 -21.01 -26.12
C LEU B 31 44.26 -20.76 -25.83
N ARG B 32 44.89 -20.32 -26.87
CA ARG B 32 46.33 -20.08 -26.77
C ARG B 32 46.74 -18.68 -26.29
N HIS B 33 46.04 -17.65 -26.75
CA HIS B 33 46.42 -16.29 -26.37
C HIS B 33 45.96 -16.01 -24.97
N HIS B 34 46.60 -16.67 -24.00
CA HIS B 34 46.26 -16.51 -22.60
C HIS B 34 46.57 -15.15 -22.00
N ASN B 35 47.48 -14.40 -22.62
CA ASN B 35 47.83 -13.07 -22.15
C ASN B 35 46.64 -12.13 -22.26
N MET B 36 45.59 -12.57 -22.97
CA MET B 36 44.40 -11.75 -23.18
C MET B 36 43.37 -11.92 -22.09
N VAL B 37 43.49 -12.99 -21.33
CA VAL B 37 42.55 -13.26 -20.25
C VAL B 37 43.01 -12.61 -18.95
N TYR B 38 42.12 -11.83 -18.35
CA TYR B 38 42.41 -11.19 -17.09
C TYR B 38 41.20 -11.19 -16.17
N ALA B 39 41.47 -11.04 -14.88
CA ALA B 39 40.40 -10.99 -13.89
C ALA B 39 40.58 -9.69 -13.11
N THR B 40 39.48 -8.93 -12.95
CA THR B 40 39.51 -7.68 -12.21
C THR B 40 39.92 -7.88 -10.73
N THR B 41 40.57 -6.88 -10.15
CA THR B 41 41.02 -6.96 -8.77
C THR B 41 40.85 -5.61 -8.08
N SER B 42 41.15 -5.56 -6.78
CA SER B 42 41.03 -4.35 -6.01
C SER B 42 41.98 -3.25 -6.50
N ARG B 43 42.97 -3.63 -7.31
CA ARG B 43 43.93 -2.65 -7.82
C ARG B 43 43.29 -1.66 -8.80
N SER B 44 42.06 -1.93 -9.19
CA SER B 44 41.40 -1.01 -10.12
C SER B 44 40.19 -0.35 -9.46
N ALA B 45 39.86 -0.78 -8.24
CA ALA B 45 38.71 -0.24 -7.50
C ALA B 45 38.70 1.29 -7.59
N SER B 46 39.87 1.88 -7.47
CA SER B 46 40.01 3.32 -7.51
C SER B 46 39.38 3.91 -8.78
N LEU B 47 39.60 3.26 -9.92
CA LEU B 47 39.04 3.75 -11.18
C LEU B 47 37.51 3.66 -11.20
N ARG B 48 36.99 2.56 -10.67
CA ARG B 48 35.55 2.36 -10.61
C ARG B 48 34.91 3.43 -9.70
N GLN B 49 35.59 3.70 -8.58
CA GLN B 49 35.13 4.68 -7.61
C GLN B 49 34.91 6.05 -8.25
N LYS B 50 35.81 6.44 -9.13
CA LYS B 50 35.70 7.73 -9.77
C LYS B 50 34.51 7.80 -10.70
N LYS B 51 34.26 6.70 -11.40
CA LYS B 51 33.14 6.65 -12.34
C LYS B 51 31.75 6.60 -11.66
N VAL B 52 31.66 6.01 -10.48
CA VAL B 52 30.36 5.87 -9.80
C VAL B 52 30.09 6.98 -8.80
N THR B 53 31.08 7.83 -8.59
CA THR B 53 30.92 8.92 -7.67
C THR B 53 30.47 10.22 -8.35
N PHE B 54 29.24 10.63 -8.10
CA PHE B 54 28.73 11.87 -8.68
C PHE B 54 27.47 12.36 -7.99
N ASP B 55 27.04 13.57 -8.35
CA ASP B 55 25.86 14.18 -7.75
C ASP B 55 24.63 13.89 -8.60
N ARG B 56 23.55 13.41 -7.98
CA ARG B 56 22.33 13.13 -8.72
C ARG B 56 21.35 14.29 -8.66
N LEU B 57 20.76 14.59 -9.81
CA LEU B 57 19.76 15.65 -9.85
C LEU B 57 18.56 14.92 -10.40
N GLN B 58 17.44 15.04 -9.72
CA GLN B 58 16.26 14.33 -10.16
C GLN B 58 15.04 15.21 -10.16
N VAL B 59 14.29 15.16 -11.24
CA VAL B 59 13.09 15.97 -11.36
C VAL B 59 11.95 15.06 -11.80
N LEU B 60 10.93 14.96 -10.98
CA LEU B 60 9.77 14.11 -11.29
C LEU B 60 8.60 14.94 -11.87
N ASP B 61 7.90 14.33 -12.82
CA ASP B 61 6.77 14.98 -13.46
C ASP B 61 5.49 14.13 -13.36
N ASP B 62 4.41 14.60 -13.97
CA ASP B 62 3.15 13.88 -13.93
C ASP B 62 3.17 12.48 -14.50
N HIS B 63 3.94 12.27 -15.56
CA HIS B 63 4.02 10.96 -16.16
C HIS B 63 4.60 9.99 -15.14
N TYR B 64 5.66 10.44 -14.44
CA TYR B 64 6.29 9.60 -13.43
C TYR B 64 5.25 9.22 -12.39
N ARG B 65 4.53 10.23 -11.88
CA ARG B 65 3.53 9.98 -10.85
C ARG B 65 2.35 9.17 -11.36
N ASP B 66 1.99 9.34 -12.63
CA ASP B 66 0.88 8.57 -13.18
C ASP B 66 1.22 7.08 -13.25
N VAL B 67 2.42 6.79 -13.72
CA VAL B 67 2.87 5.43 -13.87
C VAL B 67 3.03 4.74 -12.53
N LEU B 68 3.51 5.49 -11.54
CA LEU B 68 3.71 4.93 -10.21
C LEU B 68 2.38 4.45 -9.65
N LYS B 69 1.37 5.30 -9.76
CA LYS B 69 0.05 4.99 -9.26
C LYS B 69 -0.49 3.72 -9.89
N GLU B 70 -0.19 3.52 -11.18
CA GLU B 70 -0.65 2.32 -11.87
C GLU B 70 0.04 1.07 -11.35
N MET B 71 1.33 1.21 -11.03
CA MET B 71 2.11 0.10 -10.52
C MET B 71 1.63 -0.28 -9.12
N LYS B 72 1.30 0.72 -8.30
CA LYS B 72 0.84 0.47 -6.95
C LYS B 72 -0.51 -0.24 -6.94
N ALA B 73 -1.34 0.10 -7.91
CA ALA B 73 -2.66 -0.51 -8.01
C ALA B 73 -2.48 -2.01 -8.22
N LYS B 74 -1.62 -2.40 -9.16
CA LYS B 74 -1.36 -3.82 -9.42
C LYS B 74 -0.69 -4.48 -8.22
N ALA B 75 0.23 -3.75 -7.60
CA ALA B 75 0.91 -4.29 -6.45
C ALA B 75 -0.04 -4.61 -5.29
N SER B 76 -1.12 -3.85 -5.16
CA SER B 76 -2.04 -4.04 -4.04
C SER B 76 -2.88 -5.31 -4.12
N THR B 77 -2.63 -6.14 -5.12
CA THR B 77 -3.34 -7.40 -5.27
C THR B 77 -2.48 -8.53 -4.68
N VAL B 78 -1.24 -8.21 -4.34
CA VAL B 78 -0.32 -9.19 -3.78
C VAL B 78 -0.44 -9.42 -2.28
N LYS B 79 -0.28 -10.66 -1.87
CA LYS B 79 -0.28 -11.02 -0.47
C LYS B 79 1.00 -11.85 -0.21
N ALA B 80 1.94 -11.29 0.54
CA ALA B 80 3.21 -11.97 0.81
C ALA B 80 3.34 -12.52 2.21
N LYS B 81 3.98 -13.66 2.32
CA LYS B 81 4.11 -14.22 3.64
C LYS B 81 5.49 -13.96 4.18
N LEU B 82 5.58 -14.01 5.50
CA LEU B 82 6.83 -13.85 6.24
C LEU B 82 7.50 -15.24 6.36
N LEU B 83 8.72 -15.37 5.85
CA LEU B 83 9.41 -16.65 5.95
C LEU B 83 9.91 -16.93 7.35
N SER B 84 9.87 -18.20 7.76
CA SER B 84 10.34 -18.57 9.08
C SER B 84 11.87 -18.54 9.06
N ILE B 85 12.47 -18.43 10.24
CA ILE B 85 13.92 -18.45 10.28
C ILE B 85 14.50 -19.67 9.56
N GLU B 86 13.83 -20.82 9.65
CA GLU B 86 14.35 -22.05 8.99
C GLU B 86 14.32 -21.94 7.46
N GLU B 87 13.20 -21.52 6.92
CA GLU B 87 13.10 -21.32 5.48
C GLU B 87 14.18 -20.32 4.98
N ALA B 88 14.36 -19.23 5.72
CA ALA B 88 15.34 -18.25 5.29
C ALA B 88 16.73 -18.85 5.25
N CYS B 89 17.09 -19.63 6.27
CA CYS B 89 18.42 -20.25 6.34
C CYS B 89 18.69 -21.19 5.18
N LYS B 90 17.68 -21.99 4.83
CA LYS B 90 17.81 -22.96 3.73
C LYS B 90 18.09 -22.28 2.40
N LEU B 91 17.66 -21.02 2.30
CA LEU B 91 17.87 -20.19 1.11
C LEU B 91 19.29 -19.62 1.05
N THR B 92 20.09 -19.86 2.09
CA THR B 92 21.46 -19.36 2.15
C THR B 92 22.47 -20.27 1.46
N PRO B 93 23.26 -19.71 0.54
CA PRO B 93 24.29 -20.43 -0.21
C PRO B 93 25.35 -20.99 0.74
N PRO B 94 25.77 -22.26 0.51
CA PRO B 94 26.77 -22.88 1.37
C PRO B 94 28.06 -22.08 1.40
N HIS B 95 28.28 -21.27 0.36
CA HIS B 95 29.47 -20.46 0.22
C HIS B 95 29.29 -18.96 0.60
N SER B 96 28.13 -18.59 1.14
CA SER B 96 27.88 -17.20 1.53
C SER B 96 28.90 -16.68 2.57
N ALA B 97 29.36 -15.44 2.39
CA ALA B 97 30.34 -14.85 3.30
C ALA B 97 29.89 -15.03 4.75
N LYS B 98 30.83 -15.40 5.61
CA LYS B 98 30.53 -15.61 7.02
C LYS B 98 30.23 -14.33 7.78
N SER B 99 29.57 -14.50 8.91
CA SER B 99 29.24 -13.35 9.76
C SER B 99 30.44 -12.95 10.65
N LYS B 100 30.55 -11.66 10.96
CA LYS B 100 31.62 -11.18 11.83
C LYS B 100 31.24 -11.51 13.27
N PHE B 101 30.09 -12.14 13.46
CA PHE B 101 29.64 -12.49 14.80
C PHE B 101 29.98 -13.92 15.29
N GLY B 102 30.89 -14.60 14.56
CA GLY B 102 31.30 -15.93 14.99
C GLY B 102 30.61 -17.15 14.40
N TYR B 103 30.15 -17.04 13.16
CA TYR B 103 29.50 -18.16 12.51
C TYR B 103 29.48 -17.98 10.99
N GLY B 104 29.42 -19.10 10.27
CA GLY B 104 29.42 -19.05 8.81
C GLY B 104 28.14 -19.57 8.17
N ALA B 105 28.14 -19.59 6.85
CA ALA B 105 27.00 -20.04 6.08
C ALA B 105 26.63 -21.50 6.46
N LYS B 106 27.64 -22.29 6.77
CA LYS B 106 27.42 -23.69 7.15
C LYS B 106 26.54 -23.74 8.39
N ASP B 107 26.89 -22.92 9.36
CA ASP B 107 26.12 -22.86 10.60
C ASP B 107 24.65 -22.43 10.37
N VAL B 108 24.45 -21.47 9.48
CA VAL B 108 23.10 -21.00 9.18
C VAL B 108 22.30 -22.12 8.57
N ARG B 109 22.90 -22.85 7.63
CA ARG B 109 22.21 -23.97 6.99
C ARG B 109 21.90 -25.08 8.00
N ASN B 110 22.73 -25.22 9.03
CA ASN B 110 22.50 -26.27 10.03
C ASN B 110 21.67 -25.78 11.20
N LEU B 111 21.30 -24.50 11.15
CA LEU B 111 20.49 -23.90 12.19
C LEU B 111 21.22 -23.99 13.53
N SER B 112 22.53 -23.74 13.54
CA SER B 112 23.27 -23.79 14.80
C SER B 112 22.67 -22.76 15.75
N SER B 113 22.85 -22.98 17.05
CA SER B 113 22.29 -22.10 18.05
C SER B 113 22.88 -20.70 17.95
N ARG B 114 24.18 -20.60 17.75
CA ARG B 114 24.84 -19.31 17.64
C ARG B 114 24.25 -18.49 16.48
N ALA B 115 24.16 -19.10 15.30
CA ALA B 115 23.65 -18.40 14.13
C ALA B 115 22.16 -18.03 14.30
N VAL B 116 21.38 -19.00 14.80
CA VAL B 116 19.95 -18.80 14.98
C VAL B 116 19.66 -17.77 16.05
N ASN B 117 20.61 -17.61 16.97
CA ASN B 117 20.46 -16.64 18.06
C ASN B 117 20.80 -15.25 17.53
N HIS B 118 21.80 -15.17 16.66
CA HIS B 118 22.14 -13.87 16.12
C HIS B 118 21.06 -13.37 15.16
N ILE B 119 20.55 -14.27 14.33
CA ILE B 119 19.54 -13.92 13.37
C ILE B 119 18.35 -13.33 14.09
N ARG B 120 17.96 -13.96 15.21
CA ARG B 120 16.83 -13.48 16.01
C ARG B 120 17.11 -12.12 16.63
N SER B 121 18.33 -11.90 17.09
CA SER B 121 18.64 -10.62 17.69
C SER B 121 18.63 -9.52 16.62
N VAL B 122 19.00 -9.87 15.40
CA VAL B 122 19.02 -8.92 14.30
C VAL B 122 17.58 -8.54 13.92
N TRP B 123 16.67 -9.52 13.97
CA TRP B 123 15.26 -9.29 13.66
C TRP B 123 14.67 -8.39 14.74
N GLU B 124 14.93 -8.70 16.01
CA GLU B 124 14.44 -7.85 17.09
C GLU B 124 14.96 -6.40 17.00
N ASP B 125 16.23 -6.24 16.63
CA ASP B 125 16.83 -4.93 16.48
C ASP B 125 16.13 -4.15 15.37
N LEU B 126 15.73 -4.84 14.31
CA LEU B 126 15.02 -4.17 13.23
C LEU B 126 13.69 -3.60 13.77
N LEU B 127 13.13 -4.25 14.79
CA LEU B 127 11.86 -3.80 15.39
C LEU B 127 12.12 -2.75 16.46
N GLU B 128 13.28 -2.86 17.11
CA GLU B 128 13.65 -1.95 18.17
C GLU B 128 14.34 -0.68 17.73
N ASP B 129 14.92 -0.67 16.54
CA ASP B 129 15.64 0.49 16.02
C ASP B 129 15.16 0.77 14.59
N THR B 130 14.62 1.96 14.36
CA THR B 130 14.14 2.31 13.04
C THR B 130 14.99 3.33 12.30
N GLU B 131 16.12 3.74 12.87
CA GLU B 131 16.98 4.77 12.27
C GLU B 131 18.44 4.48 12.01
N THR B 132 19.14 3.94 13.00
CA THR B 132 20.57 3.69 12.87
C THR B 132 21.00 2.96 11.63
N PRO B 133 21.84 3.60 10.79
CA PRO B 133 22.35 3.04 9.55
C PRO B 133 23.03 1.70 9.83
N ILE B 134 22.81 0.73 8.96
CA ILE B 134 23.39 -0.58 9.17
C ILE B 134 24.72 -0.70 8.43
N ASP B 135 25.69 -1.31 9.09
CA ASP B 135 27.01 -1.46 8.49
C ASP B 135 26.98 -2.33 7.26
N THR B 136 27.89 -2.03 6.33
CA THR B 136 28.03 -2.80 5.11
C THR B 136 29.52 -2.95 4.79
N THR B 137 29.81 -3.95 3.97
CA THR B 137 31.17 -4.19 3.56
C THR B 137 31.26 -3.91 2.09
N ILE B 138 32.36 -3.28 1.70
CA ILE B 138 32.57 -2.96 0.30
C ILE B 138 33.75 -3.78 -0.17
N MET B 139 33.59 -4.39 -1.33
CA MET B 139 34.65 -5.21 -1.90
C MET B 139 34.74 -5.00 -3.41
N ALA B 140 35.93 -5.22 -3.95
CA ALA B 140 36.14 -5.16 -5.40
C ALA B 140 35.75 -6.55 -5.88
N LYS B 141 34.88 -6.63 -6.87
CA LYS B 141 34.45 -7.91 -7.39
C LYS B 141 35.51 -8.51 -8.32
N SER B 142 35.56 -9.84 -8.37
CA SER B 142 36.51 -10.54 -9.23
C SER B 142 35.79 -11.13 -10.44
N GLU B 143 36.01 -10.56 -11.63
CA GLU B 143 35.38 -11.03 -12.84
C GLU B 143 36.37 -11.19 -14.00
N VAL B 144 36.20 -12.26 -14.76
CA VAL B 144 37.07 -12.55 -15.90
C VAL B 144 36.57 -12.00 -17.25
N PHE B 145 37.46 -11.34 -17.98
CA PHE B 145 37.12 -10.77 -19.26
C PHE B 145 38.29 -10.96 -20.19
N CYS B 146 38.12 -10.48 -21.42
CA CYS B 146 39.16 -10.52 -22.45
C CYS B 146 39.57 -9.09 -22.76
N VAL B 147 40.86 -8.81 -22.82
CA VAL B 147 41.31 -7.45 -23.12
C VAL B 147 40.65 -6.85 -24.37
N GLY B 153 40.65 -0.45 -22.97
CA GLY B 153 41.49 -1.71 -22.95
C GLY B 153 41.04 -2.72 -21.89
N ARG B 154 41.01 -2.28 -20.63
CA ARG B 154 40.60 -3.12 -19.51
C ARG B 154 39.59 -2.42 -18.63
N LYS B 155 38.51 -3.12 -18.29
CA LYS B 155 37.48 -2.53 -17.44
C LYS B 155 37.82 -2.73 -15.98
N PRO B 156 37.66 -1.67 -15.19
CA PRO B 156 37.95 -1.73 -13.75
C PRO B 156 36.96 -2.65 -13.03
N ALA B 157 37.35 -3.13 -11.85
CA ALA B 157 36.48 -4.01 -11.09
C ALA B 157 35.17 -3.36 -10.70
N ARG B 158 34.14 -4.18 -10.56
CA ARG B 158 32.86 -3.66 -10.11
C ARG B 158 32.98 -3.69 -8.60
N LEU B 159 32.17 -2.86 -7.95
CA LEU B 159 32.18 -2.81 -6.49
C LEU B 159 30.93 -3.52 -5.93
N ILE B 160 31.08 -4.25 -4.84
CA ILE B 160 29.91 -4.90 -4.25
C ILE B 160 29.73 -4.44 -2.81
N VAL B 161 28.51 -4.11 -2.44
CA VAL B 161 28.25 -3.64 -1.08
C VAL B 161 27.22 -4.58 -0.47
N PHE B 162 27.54 -5.18 0.68
CA PHE B 162 26.64 -6.14 1.32
C PHE B 162 26.67 -6.09 2.84
N PRO B 163 25.54 -6.33 3.48
CA PRO B 163 25.44 -6.32 4.94
C PRO B 163 25.87 -7.66 5.48
N ASP B 164 25.95 -7.76 6.81
CA ASP B 164 26.32 -9.01 7.46
C ASP B 164 25.35 -10.18 7.19
N LEU B 165 25.88 -11.39 7.29
CA LEU B 165 25.10 -12.63 7.08
C LEU B 165 23.78 -12.65 7.87
N GLY B 166 23.86 -12.23 9.14
CA GLY B 166 22.67 -12.19 9.97
C GLY B 166 21.59 -11.29 9.36
N VAL B 167 22.00 -10.17 8.79
CA VAL B 167 21.08 -9.24 8.16
C VAL B 167 20.48 -9.83 6.87
N ARG B 168 21.32 -10.47 6.07
CA ARG B 168 20.87 -11.08 4.82
C ARG B 168 19.77 -12.13 5.07
N VAL B 169 19.87 -12.85 6.18
CA VAL B 169 18.85 -13.84 6.50
C VAL B 169 17.55 -13.13 6.86
N CYS B 170 17.65 -12.08 7.67
CA CYS B 170 16.46 -11.32 8.03
C CYS B 170 15.77 -10.73 6.80
N GLU B 171 16.54 -10.35 5.76
CA GLU B 171 15.95 -9.77 4.53
C GLU B 171 15.02 -10.83 3.90
N LYS B 172 15.58 -12.03 3.75
CA LYS B 172 14.85 -13.17 3.19
C LYS B 172 13.52 -13.35 3.94
N MET B 173 13.59 -13.41 5.27
CA MET B 173 12.35 -13.60 6.03
C MET B 173 11.27 -12.56 5.71
N ALA B 174 11.67 -11.31 5.57
CA ALA B 174 10.69 -10.30 5.31
C ALA B 174 10.37 -9.98 3.86
N LEU B 175 11.30 -10.25 2.96
CA LEU B 175 11.12 -9.84 1.58
C LEU B 175 11.33 -10.86 0.49
N TYR B 176 11.72 -12.08 0.86
CA TYR B 176 11.95 -13.11 -0.18
C TYR B 176 10.70 -13.31 -1.01
N ASP B 177 9.57 -13.46 -0.34
CA ASP B 177 8.32 -13.69 -1.07
C ASP B 177 7.95 -12.44 -1.85
N VAL B 178 8.18 -11.27 -1.26
CA VAL B 178 7.86 -10.04 -1.96
C VAL B 178 8.64 -9.89 -3.27
N VAL B 179 9.97 -10.05 -3.21
CA VAL B 179 10.77 -9.92 -4.42
C VAL B 179 10.67 -11.09 -5.40
N SER B 180 9.99 -12.17 -4.99
CA SER B 180 9.84 -13.32 -5.87
C SER B 180 8.52 -13.29 -6.63
N THR B 181 7.56 -12.50 -6.16
CA THR B 181 6.26 -12.47 -6.80
C THR B 181 5.76 -11.07 -7.21
N LEU B 182 5.98 -10.04 -6.38
CA LEU B 182 5.50 -8.68 -6.73
C LEU B 182 5.90 -8.14 -8.11
N PRO B 183 7.14 -8.38 -8.56
CA PRO B 183 7.54 -7.86 -9.87
C PRO B 183 6.61 -8.28 -11.01
N GLN B 184 6.26 -9.57 -11.05
CA GLN B 184 5.38 -10.06 -12.11
C GLN B 184 3.95 -9.49 -12.01
N ALA B 185 3.43 -9.40 -10.80
CA ALA B 185 2.08 -8.86 -10.61
C ALA B 185 2.02 -7.38 -11.01
N VAL B 186 3.13 -6.66 -10.88
CA VAL B 186 3.16 -5.24 -11.22
C VAL B 186 3.46 -4.94 -12.70
N MET B 187 4.50 -5.58 -13.22
CA MET B 187 4.94 -5.37 -14.58
C MET B 187 4.46 -6.35 -15.63
N GLY B 188 3.71 -7.36 -15.21
CA GLY B 188 3.19 -8.32 -16.16
C GLY B 188 4.22 -8.91 -17.10
N SER B 189 3.82 -9.10 -18.35
CA SER B 189 4.69 -9.68 -19.38
C SER B 189 6.01 -8.94 -19.58
N SER B 190 6.10 -7.71 -19.09
CA SER B 190 7.34 -6.94 -19.24
C SER B 190 8.47 -7.40 -18.30
N TYR B 191 8.13 -8.21 -17.30
CA TYR B 191 9.09 -8.72 -16.35
C TYR B 191 9.94 -9.82 -16.98
N GLY B 192 11.18 -9.47 -17.29
CA GLY B 192 12.10 -10.38 -17.96
C GLY B 192 12.50 -11.66 -17.26
N PHE B 193 12.55 -11.65 -15.94
CA PHE B 193 12.96 -12.85 -15.21
C PHE B 193 11.99 -14.04 -15.19
N GLN B 194 10.80 -13.86 -15.77
CA GLN B 194 9.82 -14.95 -15.79
C GLN B 194 10.00 -15.87 -17.00
N TYR B 195 10.95 -15.53 -17.86
CA TYR B 195 11.17 -16.29 -19.08
C TYR B 195 12.48 -17.04 -19.10
N SER B 196 12.46 -18.20 -19.76
CA SER B 196 13.63 -19.02 -19.96
C SER B 196 14.16 -18.44 -21.29
N PRO B 197 15.39 -18.80 -21.69
CA PRO B 197 15.94 -18.26 -22.94
C PRO B 197 14.97 -18.34 -24.10
N LYS B 198 14.38 -19.52 -24.29
CA LYS B 198 13.44 -19.77 -25.37
C LYS B 198 12.19 -18.91 -25.27
N GLN B 199 11.69 -18.72 -24.05
CA GLN B 199 10.51 -17.89 -23.82
C GLN B 199 10.80 -16.41 -24.08
N ARG B 200 12.02 -15.96 -23.76
CA ARG B 200 12.37 -14.55 -23.97
C ARG B 200 12.37 -14.32 -25.46
N VAL B 201 12.92 -15.29 -26.19
CA VAL B 201 13.01 -15.23 -27.64
C VAL B 201 11.60 -15.18 -28.19
N GLU B 202 10.73 -16.00 -27.63
CA GLU B 202 9.34 -16.04 -28.06
C GLU B 202 8.61 -14.72 -27.83
N PHE B 203 8.73 -14.17 -26.62
CA PHE B 203 8.09 -12.90 -26.33
C PHE B 203 8.67 -11.78 -27.20
N LEU B 204 9.99 -11.77 -27.40
CA LEU B 204 10.64 -10.73 -28.22
C LEU B 204 10.12 -10.78 -29.66
N VAL B 205 10.15 -11.98 -30.23
CA VAL B 205 9.66 -12.18 -31.59
C VAL B 205 8.17 -11.83 -31.73
N ASN B 206 7.33 -12.29 -30.82
CA ASN B 206 5.91 -11.98 -30.91
C ASN B 206 5.67 -10.47 -30.78
N THR B 207 6.46 -9.81 -29.94
CA THR B 207 6.26 -8.38 -29.74
C THR B 207 6.65 -7.58 -30.98
N TRP B 208 7.70 -8.04 -31.63
CA TRP B 208 8.23 -7.41 -32.82
C TRP B 208 7.30 -7.52 -34.02
N LYS B 209 6.43 -8.53 -34.00
CA LYS B 209 5.49 -8.75 -35.10
C LYS B 209 4.17 -8.08 -34.84
N SER B 210 3.87 -7.80 -33.57
CA SER B 210 2.62 -7.16 -33.20
C SER B 210 2.62 -5.69 -33.65
N LYS B 211 3.73 -5.25 -34.22
CA LYS B 211 3.86 -3.88 -34.68
C LYS B 211 3.79 -3.85 -36.21
N LYS B 212 3.18 -2.82 -36.75
CA LYS B 212 3.09 -2.70 -38.20
C LYS B 212 4.50 -2.49 -38.71
N CYS B 213 5.15 -1.44 -38.23
CA CYS B 213 6.51 -1.15 -38.64
C CYS B 213 7.33 -1.07 -37.36
N PRO B 214 7.69 -2.25 -36.79
CA PRO B 214 8.49 -2.39 -35.56
C PRO B 214 9.80 -1.62 -35.51
N MET B 215 10.04 -0.96 -34.38
CA MET B 215 11.27 -0.24 -34.15
C MET B 215 11.72 -0.65 -32.75
N GLY B 216 13.00 -0.92 -32.57
CA GLY B 216 13.46 -1.31 -31.24
C GLY B 216 14.78 -0.68 -30.85
N PHE B 217 15.07 -0.71 -29.56
CA PHE B 217 16.32 -0.17 -29.05
C PHE B 217 16.58 -0.59 -27.62
N SER B 218 17.85 -0.77 -27.31
CA SER B 218 18.28 -1.13 -25.97
C SER B 218 18.69 0.19 -25.31
N TYR B 219 18.53 0.30 -24.00
CA TYR B 219 18.93 1.51 -23.31
C TYR B 219 19.87 1.11 -22.22
N ASP B 220 21.06 1.70 -22.22
CA ASP B 220 22.10 1.40 -21.23
C ASP B 220 22.22 2.56 -20.25
N THR B 221 21.69 2.39 -19.03
CA THR B 221 21.80 3.46 -18.03
C THR B 221 23.20 3.48 -17.42
N ARG B 222 23.92 4.58 -17.61
CA ARG B 222 25.29 4.72 -17.08
C ARG B 222 25.38 4.39 -15.60
N CYS B 223 26.07 3.30 -15.24
CA CYS B 223 26.21 2.88 -13.83
C CYS B 223 24.86 3.01 -13.08
N PHE B 224 23.87 2.22 -13.48
CA PHE B 224 22.55 2.29 -12.89
C PHE B 224 22.48 2.39 -11.36
N ASP B 225 23.20 1.49 -10.69
CA ASP B 225 23.20 1.45 -9.24
C ASP B 225 23.46 2.82 -8.60
N SER B 226 24.41 3.57 -9.14
CA SER B 226 24.74 4.86 -8.56
C SER B 226 23.75 5.98 -8.90
N THR B 227 22.87 5.74 -9.88
CA THR B 227 21.86 6.73 -10.26
C THR B 227 20.60 6.59 -9.39
N VAL B 228 20.46 5.48 -8.67
CA VAL B 228 19.28 5.28 -7.82
C VAL B 228 19.35 6.21 -6.60
N THR B 229 18.33 7.07 -6.48
CA THR B 229 18.27 8.05 -5.40
C THR B 229 17.55 7.54 -4.16
N GLU B 230 17.63 8.32 -3.09
CA GLU B 230 16.96 7.95 -1.84
C GLU B 230 15.45 7.95 -2.09
N SER B 231 15.02 8.86 -2.95
CA SER B 231 13.63 8.99 -3.33
C SER B 231 13.14 7.72 -4.05
N ASP B 232 13.95 7.23 -5.00
CA ASP B 232 13.62 6.01 -5.73
C ASP B 232 13.42 4.81 -4.76
N ILE B 233 14.31 4.72 -3.77
CA ILE B 233 14.27 3.63 -2.80
C ILE B 233 13.02 3.71 -1.92
N ARG B 234 12.60 4.92 -1.57
CA ARG B 234 11.40 5.07 -0.76
C ARG B 234 10.14 4.79 -1.59
N VAL B 235 10.18 5.16 -2.88
CA VAL B 235 9.07 4.91 -3.78
C VAL B 235 8.94 3.39 -3.92
N GLU B 236 10.09 2.77 -4.14
CA GLU B 236 10.18 1.36 -4.29
C GLU B 236 9.51 0.72 -3.08
N GLU B 237 9.79 1.27 -1.90
CA GLU B 237 9.18 0.77 -0.68
C GLU B 237 7.66 1.02 -0.64
N SER B 238 7.20 2.14 -1.24
CA SER B 238 5.77 2.48 -1.22
C SER B 238 5.01 1.42 -2.00
N ILE B 239 5.68 0.85 -3.00
CA ILE B 239 5.10 -0.21 -3.79
C ILE B 239 5.04 -1.51 -2.96
N TYR B 240 6.11 -1.82 -2.23
CA TYR B 240 6.18 -3.01 -1.39
C TYR B 240 5.09 -2.96 -0.32
N GLN B 241 4.92 -1.78 0.27
CA GLN B 241 3.93 -1.56 1.31
C GLN B 241 2.45 -1.77 0.87
N CYS B 242 2.19 -1.87 -0.44
CA CYS B 242 0.85 -2.11 -0.96
C CYS B 242 0.46 -3.59 -0.78
N CYS B 243 1.46 -4.44 -0.54
CA CYS B 243 1.21 -5.86 -0.32
C CYS B 243 0.54 -6.08 1.05
N ASP B 244 -0.21 -7.16 1.17
CA ASP B 244 -0.78 -7.49 2.47
C ASP B 244 0.44 -8.14 3.14
N LEU B 245 0.78 -7.64 4.32
CA LEU B 245 1.96 -8.14 5.00
C LEU B 245 1.73 -8.34 6.48
N ALA B 246 2.53 -9.23 7.08
CA ALA B 246 2.45 -9.41 8.52
C ALA B 246 3.05 -8.13 9.16
N PRO B 247 2.58 -7.79 10.36
CA PRO B 247 3.00 -6.61 11.14
C PRO B 247 4.54 -6.45 11.21
N GLU B 248 5.22 -7.48 11.71
CA GLU B 248 6.66 -7.40 11.83
C GLU B 248 7.39 -7.36 10.49
N ALA B 249 6.77 -7.93 9.46
CA ALA B 249 7.34 -7.89 8.11
C ALA B 249 7.23 -6.43 7.62
N ARG B 250 6.11 -5.79 7.93
CA ARG B 250 5.92 -4.40 7.54
C ARG B 250 7.01 -3.53 8.20
N GLN B 251 7.22 -3.71 9.51
CA GLN B 251 8.23 -2.95 10.21
C GLN B 251 9.63 -3.31 9.68
N ALA B 252 9.86 -4.59 9.44
CA ALA B 252 11.14 -5.02 8.93
C ALA B 252 11.46 -4.28 7.64
N ILE B 253 10.49 -4.23 6.74
CA ILE B 253 10.63 -3.56 5.46
C ILE B 253 10.88 -2.08 5.67
N ARG B 254 10.12 -1.45 6.56
CA ARG B 254 10.29 -0.03 6.89
C ARG B 254 11.70 0.28 7.41
N SER B 255 12.16 -0.53 8.37
CA SER B 255 13.50 -0.35 8.96
C SER B 255 14.63 -0.63 7.99
N LEU B 256 14.54 -1.73 7.25
CA LEU B 256 15.57 -2.07 6.28
C LEU B 256 15.73 -0.95 5.25
N THR B 257 14.62 -0.35 4.84
CA THR B 257 14.64 0.72 3.87
C THR B 257 15.46 1.89 4.36
N GLU B 258 15.11 2.40 5.54
CA GLU B 258 15.78 3.53 6.13
C GLU B 258 17.17 3.25 6.69
N ARG B 259 17.44 2.00 7.05
CA ARG B 259 18.72 1.69 7.65
C ARG B 259 19.71 1.03 6.73
N LEU B 260 19.22 0.52 5.61
CA LEU B 260 20.10 -0.21 4.70
C LEU B 260 20.00 0.15 3.22
N TYR B 261 18.79 0.05 2.68
CA TYR B 261 18.59 0.28 1.27
C TYR B 261 18.84 1.72 0.77
N ILE B 262 18.46 2.72 1.55
CA ILE B 262 18.69 4.09 1.11
C ILE B 262 20.16 4.49 1.24
N GLY B 263 20.94 3.71 1.97
CA GLY B 263 22.33 4.04 2.14
C GLY B 263 22.88 3.75 3.52
N GLY B 264 24.17 4.00 3.72
CA GLY B 264 24.79 3.72 5.00
C GLY B 264 26.29 3.71 4.92
N PRO B 265 26.97 3.40 6.04
CA PRO B 265 28.44 3.37 6.06
C PRO B 265 29.06 2.20 5.30
N LEU B 266 30.22 2.46 4.71
CA LEU B 266 30.96 1.47 3.94
C LEU B 266 32.26 1.08 4.66
N THR B 267 32.40 -0.20 5.00
CA THR B 267 33.59 -0.70 5.70
C THR B 267 34.38 -1.69 4.81
N ASN B 268 35.70 -1.57 4.79
CA ASN B 268 36.52 -2.51 3.98
C ASN B 268 36.77 -3.81 4.74
N SER B 269 37.51 -4.72 4.12
CA SER B 269 37.75 -6.02 4.72
C SER B 269 38.54 -5.93 6.00
N LYS B 270 39.34 -4.88 6.12
CA LYS B 270 40.18 -4.67 7.29
C LYS B 270 39.42 -4.00 8.43
N GLY B 271 38.15 -3.69 8.21
CA GLY B 271 37.38 -3.03 9.26
C GLY B 271 37.52 -1.51 9.27
N GLN B 272 38.02 -0.90 8.20
CA GLN B 272 38.17 0.56 8.17
C GLN B 272 37.01 1.21 7.46
N ASN B 273 36.63 2.38 7.95
CA ASN B 273 35.55 3.16 7.34
C ASN B 273 35.99 3.80 6.00
N CYS B 274 35.47 3.28 4.90
CA CYS B 274 35.80 3.78 3.57
C CYS B 274 34.89 4.92 3.13
N GLY B 275 33.81 5.14 3.84
CA GLY B 275 32.93 6.20 3.41
C GLY B 275 31.45 5.93 3.59
N TYR B 276 30.64 6.56 2.76
CA TYR B 276 29.20 6.44 2.86
C TYR B 276 28.54 6.34 1.49
N ARG B 277 27.42 5.61 1.42
CA ARG B 277 26.69 5.38 0.19
C ARG B 277 25.29 5.98 0.30
N ARG B 278 24.80 6.55 -0.80
CA ARG B 278 23.48 7.16 -0.82
C ARG B 278 22.77 6.74 -2.06
N CYS B 279 23.13 5.56 -2.54
CA CYS B 279 22.53 4.97 -3.73
C CYS B 279 22.30 3.44 -3.54
N ARG B 280 21.91 2.76 -4.60
CA ARG B 280 21.65 1.32 -4.52
C ARG B 280 22.87 0.46 -4.17
N ALA B 281 22.74 -0.38 -3.15
CA ALA B 281 23.81 -1.31 -2.82
C ALA B 281 23.62 -2.56 -3.73
N SER B 282 24.71 -3.07 -4.28
CA SER B 282 24.69 -4.23 -5.18
C SER B 282 24.34 -5.56 -4.52
N GLY B 283 24.78 -5.72 -3.28
CA GLY B 283 24.55 -6.97 -2.57
C GLY B 283 23.47 -7.11 -1.51
N VAL B 284 22.24 -6.70 -1.83
CA VAL B 284 21.11 -6.89 -0.91
C VAL B 284 19.99 -7.63 -1.67
N LEU B 285 19.04 -8.23 -0.94
CA LEU B 285 17.97 -8.99 -1.55
C LEU B 285 17.05 -8.23 -2.51
N THR B 286 16.85 -6.95 -2.26
CA THR B 286 15.98 -6.15 -3.11
C THR B 286 16.64 -5.50 -4.33
N THR B 287 17.92 -5.74 -4.56
CA THR B 287 18.58 -5.10 -5.70
C THR B 287 17.97 -5.43 -7.07
N SER B 288 17.80 -6.71 -7.36
CA SER B 288 17.23 -7.12 -8.64
C SER B 288 15.80 -6.55 -8.77
N CYS B 289 14.96 -6.90 -7.81
CA CYS B 289 13.58 -6.42 -7.82
C CYS B 289 13.52 -4.88 -7.90
N GLY B 290 14.26 -4.22 -7.01
CA GLY B 290 14.27 -2.77 -6.99
C GLY B 290 14.69 -2.14 -8.30
N ASN B 291 15.80 -2.61 -8.86
CA ASN B 291 16.30 -2.05 -10.12
C ASN B 291 15.31 -2.25 -11.24
N THR B 292 14.66 -3.41 -11.26
CA THR B 292 13.69 -3.72 -12.31
C THR B 292 12.49 -2.75 -12.21
N LEU B 293 11.90 -2.62 -11.03
CA LEU B 293 10.77 -1.73 -10.87
C LEU B 293 11.14 -0.29 -11.20
N THR B 294 12.29 0.16 -10.69
CA THR B 294 12.70 1.52 -10.89
C THR B 294 12.95 1.77 -12.37
N CYS B 295 13.67 0.85 -13.00
CA CYS B 295 13.97 0.96 -14.41
C CYS B 295 12.65 0.97 -15.21
N TYR B 296 11.76 0.05 -14.87
CA TYR B 296 10.46 -0.03 -15.53
C TYR B 296 9.67 1.29 -15.31
N LEU B 297 9.62 1.76 -14.08
CA LEU B 297 8.91 3.00 -13.80
C LEU B 297 9.38 4.20 -14.64
N LYS B 298 10.68 4.52 -14.54
CA LYS B 298 11.22 5.65 -15.26
C LYS B 298 11.08 5.51 -16.77
N ALA B 299 11.32 4.31 -17.27
CA ALA B 299 11.24 4.11 -18.71
C ALA B 299 9.82 4.22 -19.26
N THR B 300 8.86 3.66 -18.52
CA THR B 300 7.46 3.69 -18.93
C THR B 300 6.98 5.14 -18.91
N ALA B 301 7.35 5.88 -17.88
CA ALA B 301 6.97 7.29 -17.81
C ALA B 301 7.75 8.06 -18.89
N ALA B 302 8.95 7.56 -19.23
CA ALA B 302 9.79 8.22 -20.25
C ALA B 302 9.22 8.08 -21.66
N CYS B 303 8.58 6.93 -21.94
CA CYS B 303 7.98 6.71 -23.25
C CYS B 303 6.80 7.62 -23.47
N ARG B 304 6.06 7.95 -22.41
CA ARG B 304 4.92 8.84 -22.54
C ARG B 304 5.35 10.28 -22.84
N ALA B 305 6.40 10.74 -22.17
CA ALA B 305 6.87 12.11 -22.40
C ALA B 305 7.46 12.22 -23.81
N ALA B 306 8.05 11.11 -24.27
CA ALA B 306 8.69 11.05 -25.58
C ALA B 306 7.70 10.78 -26.70
N LYS B 307 6.45 10.56 -26.31
CA LYS B 307 5.41 10.31 -27.27
C LYS B 307 5.72 9.14 -28.23
N LEU B 308 6.39 8.11 -27.71
CA LEU B 308 6.69 6.92 -28.51
C LEU B 308 5.39 6.12 -28.64
N GLN B 309 5.17 5.48 -29.79
CA GLN B 309 3.90 4.77 -30.00
C GLN B 309 3.99 3.29 -29.71
N ASP B 310 2.95 2.78 -29.08
CA ASP B 310 2.88 1.37 -28.71
C ASP B 310 4.17 0.80 -28.17
N CYS B 311 4.57 1.25 -26.98
CA CYS B 311 5.79 0.75 -26.35
C CYS B 311 5.61 -0.54 -25.57
N THR B 312 6.53 -1.48 -25.78
CA THR B 312 6.48 -2.75 -25.06
C THR B 312 7.83 -2.87 -24.35
N MET B 313 7.79 -2.98 -23.03
CA MET B 313 9.02 -3.07 -22.24
C MET B 313 9.39 -4.51 -21.93
N LEU B 314 10.68 -4.72 -21.80
CA LEU B 314 11.23 -6.01 -21.42
C LEU B 314 12.38 -5.57 -20.51
N VAL B 315 12.15 -5.65 -19.20
CA VAL B 315 13.11 -5.20 -18.21
C VAL B 315 13.68 -6.29 -17.31
N ASN B 316 15.00 -6.30 -17.21
CA ASN B 316 15.71 -7.25 -16.37
C ASN B 316 16.66 -6.44 -15.49
N GLY B 317 16.21 -6.09 -14.30
CA GLY B 317 17.06 -5.31 -13.43
C GLY B 317 17.29 -3.98 -14.12
N ASP B 318 18.55 -3.58 -14.28
CA ASP B 318 18.86 -2.31 -14.92
C ASP B 318 18.86 -2.44 -16.44
N ASP B 319 18.80 -3.68 -16.93
CA ASP B 319 18.80 -3.90 -18.38
C ASP B 319 17.43 -3.61 -19.01
N LEU B 320 17.42 -2.83 -20.08
CA LEU B 320 16.15 -2.47 -20.72
C LEU B 320 16.19 -2.49 -22.23
N VAL B 321 15.11 -2.97 -22.82
CA VAL B 321 14.95 -3.01 -24.27
C VAL B 321 13.52 -2.64 -24.55
N VAL B 322 13.32 -1.75 -25.51
CA VAL B 322 11.99 -1.25 -25.86
C VAL B 322 11.65 -1.52 -27.32
N ILE B 323 10.43 -1.94 -27.59
CA ILE B 323 9.98 -2.19 -28.96
C ILE B 323 8.72 -1.37 -29.15
N CYS B 324 8.70 -0.54 -30.19
CA CYS B 324 7.56 0.31 -30.44
C CYS B 324 7.19 0.44 -31.92
N GLU B 325 6.16 1.26 -32.18
CA GLU B 325 5.66 1.51 -33.54
C GLU B 325 6.46 2.64 -34.18
N SER B 326 7.13 2.33 -35.29
CA SER B 326 7.95 3.33 -35.98
C SER B 326 7.14 4.51 -36.54
N ALA B 327 7.77 5.67 -36.66
CA ALA B 327 7.11 6.87 -37.21
C ALA B 327 8.00 7.51 -38.28
N GLY B 328 9.05 6.79 -38.67
CA GLY B 328 9.93 7.31 -39.69
C GLY B 328 11.35 7.44 -39.17
N THR B 329 12.31 7.36 -40.08
CA THR B 329 13.71 7.48 -39.71
C THR B 329 13.92 8.67 -38.79
N GLN B 330 13.72 9.87 -39.35
CA GLN B 330 13.89 11.10 -38.60
C GLN B 330 13.12 11.07 -37.29
N GLU B 331 11.81 10.91 -37.40
CA GLU B 331 10.94 10.86 -36.24
C GLU B 331 11.52 10.05 -35.07
N ASP B 332 11.63 8.74 -35.23
CA ASP B 332 12.18 7.89 -34.16
C ASP B 332 13.51 8.44 -33.62
N ALA B 333 14.39 8.89 -34.50
CA ALA B 333 15.68 9.43 -34.07
C ALA B 333 15.46 10.58 -33.09
N ALA B 334 14.40 11.35 -33.30
CA ALA B 334 14.06 12.48 -32.45
C ALA B 334 13.33 12.00 -31.18
N ALA B 335 12.38 11.08 -31.36
CA ALA B 335 11.63 10.54 -30.23
C ALA B 335 12.57 9.82 -29.24
N LEU B 336 13.57 9.13 -29.77
CA LEU B 336 14.52 8.45 -28.90
C LEU B 336 15.33 9.44 -28.07
N ARG B 337 15.60 10.63 -28.63
CA ARG B 337 16.36 11.65 -27.91
C ARG B 337 15.49 12.17 -26.78
N ALA B 338 14.20 12.33 -27.08
CA ALA B 338 13.23 12.80 -26.10
C ALA B 338 13.25 11.80 -24.93
N PHE B 339 13.12 10.52 -25.27
CA PHE B 339 13.14 9.46 -24.28
C PHE B 339 14.39 9.57 -23.38
N THR B 340 15.56 9.63 -24.00
CA THR B 340 16.82 9.75 -23.27
C THR B 340 16.81 10.99 -22.41
N GLU B 341 16.20 12.06 -22.91
CA GLU B 341 16.12 13.30 -22.16
C GLU B 341 15.26 13.14 -20.91
N ALA B 342 14.12 12.49 -21.06
CA ALA B 342 13.23 12.23 -19.92
C ALA B 342 13.93 11.32 -18.89
N MET B 343 14.60 10.28 -19.38
CA MET B 343 15.32 9.37 -18.52
C MET B 343 16.38 10.14 -17.72
N THR B 344 17.04 11.08 -18.38
CA THR B 344 18.07 11.85 -17.71
C THR B 344 17.49 12.66 -16.57
N ARG B 345 16.34 13.26 -16.79
CA ARG B 345 15.67 14.03 -15.75
C ARG B 345 15.26 13.15 -14.56
N TYR B 346 14.92 11.90 -14.85
CA TYR B 346 14.54 10.93 -13.80
C TYR B 346 15.77 10.35 -13.08
N SER B 347 16.96 10.81 -13.47
CA SER B 347 18.23 10.34 -12.88
C SER B 347 18.60 8.95 -13.37
N ALA B 348 18.67 8.81 -14.69
CA ALA B 348 19.03 7.58 -15.37
C ALA B 348 19.60 7.95 -16.72
N PRO B 349 20.69 8.73 -16.71
CA PRO B 349 21.34 9.16 -17.95
C PRO B 349 21.97 7.94 -18.64
N PRO B 350 22.11 8.00 -19.97
CA PRO B 350 22.69 6.92 -20.75
C PRO B 350 24.21 6.82 -20.67
N GLY B 351 24.71 5.62 -20.86
CA GLY B 351 26.15 5.43 -20.88
C GLY B 351 26.48 5.53 -22.35
N ASP B 352 26.14 4.46 -23.06
CA ASP B 352 26.34 4.38 -24.51
C ASP B 352 25.07 4.96 -25.13
N PRO B 353 25.20 6.04 -25.90
CA PRO B 353 24.01 6.65 -26.52
C PRO B 353 23.13 5.61 -27.23
N PRO B 354 21.86 5.56 -26.87
CA PRO B 354 20.97 4.59 -27.51
C PRO B 354 20.68 5.01 -28.93
N GLN B 355 20.51 4.02 -29.79
CA GLN B 355 20.18 4.31 -31.16
C GLN B 355 19.09 3.34 -31.61
N PRO B 356 18.19 3.80 -32.50
CA PRO B 356 17.09 2.96 -33.00
C PRO B 356 17.59 1.80 -33.84
N GLU B 357 16.81 0.72 -33.87
CA GLU B 357 17.14 -0.46 -34.64
C GLU B 357 15.89 -0.95 -35.35
N TYR B 358 16.08 -1.58 -36.52
CA TYR B 358 14.95 -2.11 -37.29
C TYR B 358 15.13 -3.60 -37.55
N ASP B 359 16.31 -4.09 -37.20
CA ASP B 359 16.66 -5.51 -37.36
C ASP B 359 16.72 -6.14 -35.96
N LEU B 360 15.79 -7.06 -35.73
CA LEU B 360 15.71 -7.69 -34.43
C LEU B 360 17.05 -8.26 -33.99
N GLU B 361 17.74 -8.94 -34.89
CA GLU B 361 19.04 -9.55 -34.57
C GLU B 361 20.07 -8.58 -34.05
N LEU B 362 20.00 -7.33 -34.53
CA LEU B 362 20.95 -6.31 -34.10
C LEU B 362 20.68 -5.67 -32.74
N ILE B 363 19.57 -6.06 -32.11
CA ILE B 363 19.26 -5.51 -30.79
C ILE B 363 19.82 -6.38 -29.67
N THR B 364 20.86 -5.87 -29.01
CA THR B 364 21.45 -6.60 -27.91
C THR B 364 20.83 -6.18 -26.57
N SER B 365 20.39 -7.17 -25.80
CA SER B 365 19.80 -6.93 -24.48
C SER B 365 20.19 -8.09 -23.55
N CYS B 366 20.53 -7.77 -22.30
CA CYS B 366 20.96 -8.80 -21.34
C CYS B 366 22.17 -9.50 -21.95
N SER B 367 23.00 -8.72 -22.64
CA SER B 367 24.21 -9.26 -23.26
C SER B 367 23.85 -10.34 -24.28
N SER B 368 22.64 -10.28 -24.83
CA SER B 368 22.22 -11.29 -25.79
C SER B 368 21.39 -10.72 -26.92
N ASN B 369 21.15 -11.55 -27.93
CA ASN B 369 20.33 -11.15 -29.08
C ASN B 369 19.65 -12.35 -29.72
N VAL B 370 18.55 -12.10 -30.41
CA VAL B 370 17.85 -13.18 -31.09
C VAL B 370 18.50 -13.44 -32.43
N SER B 371 18.67 -14.72 -32.76
CA SER B 371 19.24 -15.11 -34.05
C SER B 371 18.48 -16.31 -34.59
N VAL B 372 18.80 -16.71 -35.82
CA VAL B 372 18.09 -17.82 -36.44
C VAL B 372 19.02 -18.89 -36.99
N ALA B 373 18.60 -20.14 -36.81
CA ALA B 373 19.34 -21.29 -37.29
C ALA B 373 18.31 -22.23 -37.90
N HIS B 374 18.76 -23.39 -38.39
CA HIS B 374 17.83 -24.33 -39.00
C HIS B 374 17.91 -25.68 -38.35
N ASP B 375 16.75 -26.31 -38.16
CA ASP B 375 16.69 -27.64 -37.54
C ASP B 375 17.02 -28.75 -38.55
N ALA B 376 16.83 -30.01 -38.13
CA ALA B 376 17.11 -31.15 -39.01
C ALA B 376 16.14 -31.27 -40.19
N SER B 377 15.11 -30.42 -40.22
CA SER B 377 14.15 -30.41 -41.31
C SER B 377 14.28 -29.14 -42.12
N GLY B 378 15.40 -28.45 -41.95
CA GLY B 378 15.59 -27.23 -42.73
C GLY B 378 14.66 -26.12 -42.31
N LYS B 379 13.80 -26.41 -41.33
CA LYS B 379 12.88 -25.39 -40.79
C LYS B 379 13.64 -24.31 -39.96
N ARG B 380 13.11 -23.09 -39.98
CA ARG B 380 13.70 -21.98 -39.24
C ARG B 380 13.45 -22.08 -37.73
N VAL B 381 14.52 -21.90 -36.97
CA VAL B 381 14.42 -21.94 -35.52
C VAL B 381 15.11 -20.76 -34.87
N TYR B 382 14.33 -19.97 -34.13
CA TYR B 382 14.88 -18.82 -33.40
C TYR B 382 15.48 -19.29 -32.07
N TYR B 383 16.57 -18.65 -31.65
CA TYR B 383 17.23 -18.97 -30.39
C TYR B 383 17.99 -17.76 -29.84
N LEU B 384 18.38 -17.82 -28.58
CA LEU B 384 19.11 -16.71 -27.96
C LEU B 384 20.61 -17.01 -28.01
N THR B 385 21.40 -16.05 -28.46
CA THR B 385 22.87 -16.21 -28.51
C THR B 385 23.55 -14.92 -28.00
N ARG B 386 24.88 -14.90 -27.99
CA ARG B 386 25.63 -13.73 -27.56
C ARG B 386 27.08 -13.85 -27.97
N ASP B 387 27.79 -12.73 -28.01
CA ASP B 387 29.21 -12.78 -28.33
C ASP B 387 29.82 -13.72 -27.28
N PRO B 388 30.51 -14.78 -27.74
CA PRO B 388 31.14 -15.80 -26.90
C PRO B 388 32.49 -15.47 -26.28
N THR B 389 33.00 -14.27 -26.54
CA THR B 389 34.29 -13.88 -26.00
C THR B 389 34.38 -14.05 -24.46
N THR B 390 33.50 -13.40 -23.70
CA THR B 390 33.58 -13.53 -22.26
C THR B 390 33.32 -14.96 -21.78
N PRO B 391 32.29 -15.62 -22.33
CA PRO B 391 32.03 -17.00 -21.89
C PRO B 391 33.29 -17.87 -22.09
N LEU B 392 33.97 -17.73 -23.22
CA LEU B 392 35.17 -18.53 -23.49
C LEU B 392 36.35 -18.16 -22.56
N ALA B 393 36.52 -16.87 -22.31
CA ALA B 393 37.58 -16.41 -21.41
C ALA B 393 37.38 -16.99 -20.00
N ARG B 394 36.15 -16.97 -19.51
CA ARG B 394 35.87 -17.49 -18.18
C ARG B 394 36.05 -19.00 -18.13
N ALA B 395 35.71 -19.67 -19.23
CA ALA B 395 35.85 -21.12 -19.36
C ALA B 395 37.32 -21.48 -19.23
N ALA B 396 38.16 -20.73 -19.95
CA ALA B 396 39.61 -20.98 -19.90
C ALA B 396 40.10 -20.81 -18.48
N TRP B 397 39.58 -19.78 -17.82
CA TRP B 397 39.96 -19.47 -16.44
C TRP B 397 39.50 -20.56 -15.46
N GLU B 398 38.26 -21.00 -15.60
CA GLU B 398 37.70 -22.04 -14.72
C GLU B 398 38.35 -23.42 -14.97
N THR B 399 39.03 -23.54 -16.10
CA THR B 399 39.75 -24.75 -16.44
C THR B 399 41.16 -24.67 -15.82
N ALA B 400 41.78 -23.49 -15.91
CA ALA B 400 43.13 -23.30 -15.39
C ALA B 400 43.20 -23.15 -13.88
N ARG B 401 42.06 -22.87 -13.25
CA ARG B 401 42.01 -22.69 -11.80
C ARG B 401 40.80 -23.41 -11.20
N HIS B 402 40.36 -22.95 -10.03
CA HIS B 402 39.20 -23.56 -9.38
C HIS B 402 38.28 -22.45 -8.92
N THR B 403 36.98 -22.60 -9.17
CA THR B 403 35.97 -21.61 -8.79
C THR B 403 34.68 -22.24 -8.28
N PRO B 404 34.15 -21.70 -7.15
CA PRO B 404 32.92 -22.13 -6.47
C PRO B 404 31.73 -22.26 -7.43
N ILE B 405 31.56 -21.24 -8.27
CA ILE B 405 30.51 -21.22 -9.27
C ILE B 405 31.12 -21.46 -10.64
N ASN B 406 30.48 -22.32 -11.42
CA ASN B 406 30.98 -22.69 -12.75
C ASN B 406 30.16 -22.01 -13.84
N SER B 407 30.67 -20.89 -14.32
CA SER B 407 29.95 -20.14 -15.34
C SER B 407 29.72 -21.00 -16.60
N TRP B 408 30.75 -21.77 -16.98
CA TRP B 408 30.63 -22.57 -18.19
C TRP B 408 29.36 -23.41 -18.19
N LEU B 409 28.99 -23.93 -17.02
CA LEU B 409 27.79 -24.74 -16.89
C LEU B 409 26.53 -23.95 -17.16
N GLY B 410 26.47 -22.73 -16.60
CA GLY B 410 25.30 -21.89 -16.81
C GLY B 410 25.15 -21.51 -18.27
N ASN B 411 26.27 -21.18 -18.89
CA ASN B 411 26.27 -20.82 -20.29
C ASN B 411 25.83 -22.00 -21.17
N ILE B 412 26.27 -23.20 -20.83
CA ILE B 412 25.86 -24.33 -21.64
C ILE B 412 24.35 -24.47 -21.53
N ILE B 413 23.82 -24.35 -20.33
CA ILE B 413 22.40 -24.47 -20.11
C ILE B 413 21.58 -23.35 -20.77
N MET B 414 22.06 -22.12 -20.67
CA MET B 414 21.33 -20.99 -21.23
C MET B 414 21.54 -20.82 -22.74
N TYR B 415 22.73 -21.17 -23.21
CA TYR B 415 23.07 -21.04 -24.63
C TYR B 415 23.30 -22.37 -25.34
N ALA B 416 22.59 -23.42 -24.91
CA ALA B 416 22.72 -24.76 -25.49
C ALA B 416 22.58 -24.76 -27.02
N PRO B 417 21.62 -23.98 -27.56
CA PRO B 417 21.40 -23.91 -29.01
C PRO B 417 22.52 -23.30 -29.85
N THR B 418 23.34 -22.44 -29.26
CA THR B 418 24.37 -21.78 -30.02
C THR B 418 25.45 -22.69 -30.61
N LEU B 419 26.05 -22.21 -31.71
CA LEU B 419 27.10 -22.92 -32.41
C LEU B 419 28.33 -23.04 -31.52
N TRP B 420 28.65 -21.97 -30.79
CA TRP B 420 29.82 -21.96 -29.93
C TRP B 420 29.73 -22.81 -28.66
N ALA B 421 28.59 -22.74 -27.98
CA ALA B 421 28.41 -23.52 -26.76
C ALA B 421 28.51 -25.02 -27.04
N ARG B 422 27.85 -25.47 -28.10
CA ARG B 422 27.87 -26.90 -28.48
C ARG B 422 29.25 -27.35 -28.98
N MET B 423 29.80 -26.61 -29.94
CA MET B 423 31.09 -26.95 -30.51
C MET B 423 32.26 -26.90 -29.53
N ILE B 424 32.31 -25.83 -28.75
CA ILE B 424 33.43 -25.67 -27.83
C ILE B 424 33.14 -26.04 -26.40
N LEU B 425 32.20 -25.32 -25.78
CA LEU B 425 31.88 -25.55 -24.36
C LEU B 425 31.59 -26.98 -23.99
N MET B 426 30.68 -27.63 -24.71
CA MET B 426 30.35 -29.01 -24.37
C MET B 426 31.53 -29.95 -24.58
N THR B 427 32.08 -29.94 -25.80
CA THR B 427 33.20 -30.81 -26.13
C THR B 427 34.38 -30.69 -25.16
N HIS B 428 34.71 -29.46 -24.80
CA HIS B 428 35.82 -29.18 -23.90
C HIS B 428 35.63 -29.67 -22.46
N PHE B 429 34.46 -29.40 -21.89
CA PHE B 429 34.22 -29.79 -20.48
C PHE B 429 33.82 -31.26 -20.25
N PHE B 430 33.09 -31.87 -21.16
CA PHE B 430 32.74 -33.27 -20.98
C PHE B 430 34.01 -34.09 -21.14
N SER B 431 34.86 -33.66 -22.04
CA SER B 431 36.13 -34.32 -22.27
C SER B 431 36.96 -34.28 -20.97
N ILE B 432 36.86 -33.19 -20.22
CA ILE B 432 37.63 -33.02 -18.98
C ILE B 432 37.03 -33.77 -17.81
N LEU B 433 35.70 -33.82 -17.78
CA LEU B 433 35.03 -34.49 -16.69
C LEU B 433 35.21 -35.98 -16.83
N LEU B 434 35.38 -36.43 -18.07
CA LEU B 434 35.59 -37.85 -18.36
C LEU B 434 36.99 -38.24 -17.92
N ALA B 435 37.98 -37.43 -18.26
CA ALA B 435 39.37 -37.72 -17.92
C ALA B 435 39.67 -37.61 -16.43
N GLN B 436 38.80 -36.90 -15.71
CA GLN B 436 38.98 -36.74 -14.26
C GLN B 436 38.06 -37.67 -13.48
N GLU B 437 37.18 -38.35 -14.21
CA GLU B 437 36.24 -39.29 -13.62
C GLU B 437 35.33 -38.58 -12.65
N GLN B 438 34.66 -37.53 -13.13
CA GLN B 438 33.77 -36.76 -12.29
C GLN B 438 32.54 -36.34 -13.04
N LEU B 439 32.02 -37.22 -13.90
CA LEU B 439 30.82 -36.92 -14.67
C LEU B 439 29.60 -37.13 -13.81
N GLU B 440 29.84 -37.55 -12.57
CA GLU B 440 28.75 -37.81 -11.61
C GLU B 440 28.55 -36.63 -10.67
N LYS B 441 29.65 -36.12 -10.09
CA LYS B 441 29.61 -34.98 -9.16
C LYS B 441 28.76 -33.80 -9.65
N ALA B 442 27.96 -33.24 -8.76
CA ALA B 442 27.11 -32.13 -9.10
C ALA B 442 27.94 -30.89 -8.92
N LEU B 443 27.70 -29.89 -9.77
CA LEU B 443 28.43 -28.63 -9.70
C LEU B 443 27.50 -27.43 -9.48
N ASP B 444 28.08 -26.31 -9.07
CA ASP B 444 27.28 -25.12 -8.84
C ASP B 444 27.39 -24.14 -10.00
N CYS B 445 26.28 -23.46 -10.27
CA CYS B 445 26.22 -22.44 -11.31
C CYS B 445 25.08 -21.48 -10.97
N GLN B 446 24.99 -20.37 -11.70
CA GLN B 446 23.93 -19.42 -11.39
C GLN B 446 23.02 -19.17 -12.57
N ILE B 447 21.74 -19.00 -12.26
CA ILE B 447 20.73 -18.70 -13.26
C ILE B 447 19.95 -17.51 -12.72
N TYR B 448 20.03 -16.39 -13.43
CA TYR B 448 19.38 -15.18 -12.99
C TYR B 448 19.83 -14.81 -11.56
N GLY B 449 21.12 -15.00 -11.30
CA GLY B 449 21.67 -14.68 -9.99
C GLY B 449 21.50 -15.70 -8.88
N ALA B 450 20.61 -16.68 -9.08
CA ALA B 450 20.39 -17.68 -8.04
C ALA B 450 21.35 -18.85 -8.21
N CYS B 451 21.70 -19.50 -7.11
CA CYS B 451 22.63 -20.63 -7.21
C CYS B 451 21.87 -21.97 -7.20
N TYR B 452 22.25 -22.87 -8.12
CA TYR B 452 21.64 -24.19 -8.19
C TYR B 452 22.69 -25.29 -8.26
N SER B 453 22.29 -26.50 -7.89
CA SER B 453 23.19 -27.65 -7.92
C SER B 453 22.76 -28.47 -9.10
N ILE B 454 23.58 -28.49 -10.15
CA ILE B 454 23.23 -29.23 -11.35
C ILE B 454 24.14 -30.43 -11.66
N GLU B 455 23.53 -31.54 -12.03
CA GLU B 455 24.29 -32.74 -12.43
C GLU B 455 24.63 -32.68 -13.93
N PRO B 456 25.92 -32.69 -14.29
CA PRO B 456 26.29 -32.64 -15.70
C PRO B 456 25.56 -33.68 -16.58
N LEU B 457 25.41 -34.90 -16.06
CA LEU B 457 24.74 -35.97 -16.81
C LEU B 457 23.24 -35.76 -17.03
N ASP B 458 22.72 -34.63 -16.56
CA ASP B 458 21.30 -34.37 -16.77
C ASP B 458 21.11 -33.28 -17.81
N LEU B 459 22.21 -32.74 -18.31
CA LEU B 459 22.13 -31.68 -19.31
C LEU B 459 21.25 -32.02 -20.49
N PRO B 460 21.30 -33.28 -20.95
CA PRO B 460 20.47 -33.68 -22.09
C PRO B 460 18.99 -33.43 -21.87
N GLN B 461 18.48 -33.88 -20.72
CA GLN B 461 17.06 -33.70 -20.41
C GLN B 461 16.74 -32.24 -20.16
N ILE B 462 17.69 -31.52 -19.61
CA ILE B 462 17.51 -30.10 -19.33
C ILE B 462 17.40 -29.28 -20.62
N ILE B 463 18.34 -29.50 -21.53
CA ILE B 463 18.36 -28.78 -22.80
C ILE B 463 17.11 -28.98 -23.62
N GLU B 464 16.70 -30.24 -23.81
CA GLU B 464 15.49 -30.54 -24.59
C GLU B 464 14.28 -29.91 -23.93
N ARG B 465 14.33 -29.78 -22.61
CA ARG B 465 13.20 -29.23 -21.85
C ARG B 465 13.06 -27.74 -22.05
N LEU B 466 14.18 -27.02 -21.92
CA LEU B 466 14.21 -25.57 -22.05
C LEU B 466 14.33 -25.04 -23.46
N HIS B 467 15.09 -25.74 -24.29
CA HIS B 467 15.36 -25.33 -25.66
C HIS B 467 14.66 -26.11 -26.79
N GLY B 468 14.10 -27.28 -26.45
CA GLY B 468 13.45 -28.13 -27.45
C GLY B 468 14.46 -29.09 -28.05
N LEU B 469 13.99 -30.08 -28.80
CA LEU B 469 14.87 -31.06 -29.42
C LEU B 469 15.78 -30.49 -30.52
N SER B 470 15.26 -29.52 -31.25
CA SER B 470 16.02 -28.97 -32.36
C SER B 470 17.35 -28.40 -31.91
N ALA B 471 17.53 -28.28 -30.60
CA ALA B 471 18.78 -27.75 -30.04
C ALA B 471 19.98 -28.67 -30.34
N PHE B 472 19.72 -29.98 -30.43
CA PHE B 472 20.77 -30.95 -30.73
C PHE B 472 20.94 -31.17 -32.24
N THR B 473 20.17 -30.47 -33.04
CA THR B 473 20.27 -30.65 -34.48
C THR B 473 20.29 -29.33 -35.25
N LEU B 474 20.64 -28.20 -34.62
CA LEU B 474 20.67 -26.93 -35.36
C LEU B 474 21.90 -26.82 -36.24
N HIS B 475 21.71 -26.20 -37.41
CA HIS B 475 22.82 -26.03 -38.35
C HIS B 475 22.45 -24.89 -39.27
N SER B 476 23.42 -24.44 -40.06
CA SER B 476 23.19 -23.34 -41.00
C SER B 476 22.91 -22.06 -40.24
N TYR B 477 23.79 -21.72 -39.32
CA TYR B 477 23.63 -20.51 -38.52
C TYR B 477 23.73 -19.29 -39.42
N SER B 478 23.24 -18.15 -38.94
CA SER B 478 23.26 -16.93 -39.73
C SER B 478 24.68 -16.45 -40.01
N PRO B 479 24.90 -15.86 -41.18
CA PRO B 479 26.21 -15.34 -41.59
C PRO B 479 26.82 -14.46 -40.49
N GLY B 480 25.99 -13.59 -39.91
CA GLY B 480 26.49 -12.70 -38.87
C GLY B 480 26.95 -13.45 -37.62
N GLU B 481 26.26 -14.52 -37.27
CA GLU B 481 26.62 -15.28 -36.09
C GLU B 481 27.98 -15.94 -36.28
N ILE B 482 28.08 -16.66 -37.38
CA ILE B 482 29.31 -17.36 -37.69
C ILE B 482 30.46 -16.37 -37.71
N ASN B 483 30.21 -15.17 -38.23
CA ASN B 483 31.26 -14.15 -38.29
C ASN B 483 31.79 -13.76 -36.90
N ARG B 484 30.87 -13.55 -35.96
CA ARG B 484 31.26 -13.19 -34.59
C ARG B 484 31.99 -14.36 -33.91
N VAL B 485 31.46 -15.56 -34.09
CA VAL B 485 32.09 -16.74 -33.49
C VAL B 485 33.48 -16.98 -34.11
N ALA B 486 33.56 -16.96 -35.44
CA ALA B 486 34.83 -17.20 -36.14
C ALA B 486 35.83 -16.12 -35.79
N SER B 487 35.37 -14.87 -35.68
CA SER B 487 36.30 -13.81 -35.33
C SER B 487 36.81 -14.03 -33.92
N CYS B 488 35.90 -14.38 -33.02
CA CYS B 488 36.26 -14.61 -31.65
C CYS B 488 37.32 -15.72 -31.51
N LEU B 489 37.21 -16.75 -32.34
CA LEU B 489 38.17 -17.84 -32.30
C LEU B 489 39.57 -17.42 -32.78
N ARG B 490 39.64 -16.58 -33.81
CA ARG B 490 40.93 -16.13 -34.31
C ARG B 490 41.52 -15.12 -33.31
N LYS B 491 40.66 -14.51 -32.50
CA LYS B 491 41.09 -13.54 -31.51
C LYS B 491 41.69 -14.14 -30.24
N LEU B 492 41.04 -15.15 -29.68
CA LEU B 492 41.55 -15.79 -28.49
C LEU B 492 42.54 -16.90 -28.81
N GLY B 493 42.57 -17.32 -30.06
CA GLY B 493 43.44 -18.43 -30.43
C GLY B 493 42.78 -19.77 -30.09
N VAL B 494 41.49 -19.87 -30.40
CA VAL B 494 40.76 -21.11 -30.13
C VAL B 494 40.86 -22.00 -31.38
N PRO B 495 41.05 -23.32 -31.17
CA PRO B 495 41.15 -24.28 -32.27
C PRO B 495 39.90 -24.22 -33.14
N PRO B 496 40.05 -24.53 -34.44
CA PRO B 496 38.98 -24.54 -35.45
C PRO B 496 38.12 -25.79 -35.31
N LEU B 497 36.92 -25.74 -35.88
CA LEU B 497 35.95 -26.84 -35.84
C LEU B 497 36.58 -28.19 -36.12
N ARG B 498 37.49 -28.20 -37.07
CA ARG B 498 38.20 -29.41 -37.45
C ARG B 498 38.75 -30.20 -36.27
N THR B 499 39.26 -29.48 -35.28
CA THR B 499 39.83 -30.06 -34.07
C THR B 499 38.76 -30.40 -33.04
N TRP B 500 37.69 -29.60 -32.97
CA TRP B 500 36.60 -29.90 -32.02
C TRP B 500 35.78 -31.10 -32.49
N ARG B 501 35.58 -31.21 -33.81
CA ARG B 501 34.84 -32.35 -34.36
C ARG B 501 35.57 -33.65 -33.96
N HIS B 502 36.89 -33.62 -34.07
CA HIS B 502 37.72 -34.78 -33.71
C HIS B 502 37.56 -35.07 -32.22
N ARG B 503 37.86 -34.05 -31.41
CA ARG B 503 37.74 -34.16 -29.95
C ARG B 503 36.32 -34.63 -29.56
N ALA B 504 35.32 -34.12 -30.27
CA ALA B 504 33.93 -34.47 -29.97
C ALA B 504 33.70 -35.97 -30.18
N ARG B 505 33.99 -36.43 -31.39
CA ARG B 505 33.83 -37.84 -31.73
C ARG B 505 34.47 -38.72 -30.66
N SER B 506 35.70 -38.38 -30.29
CA SER B 506 36.40 -39.15 -29.27
C SER B 506 35.59 -39.19 -27.96
N VAL B 507 35.13 -38.01 -27.55
CA VAL B 507 34.34 -37.88 -26.30
C VAL B 507 33.01 -38.57 -26.46
N ARG B 508 32.46 -38.51 -27.67
CA ARG B 508 31.17 -39.12 -27.94
C ARG B 508 31.26 -40.62 -27.77
N ALA B 509 32.43 -41.17 -28.14
CA ALA B 509 32.69 -42.60 -28.04
C ALA B 509 32.71 -43.02 -26.58
N LYS B 510 33.71 -42.54 -25.83
CA LYS B 510 33.85 -42.87 -24.41
C LYS B 510 32.55 -42.66 -23.63
N LEU B 511 31.69 -41.78 -24.15
CA LEU B 511 30.42 -41.53 -23.50
C LEU B 511 29.41 -42.62 -23.84
N LEU B 512 29.40 -43.04 -25.09
CA LEU B 512 28.46 -44.09 -25.51
C LEU B 512 28.85 -45.45 -24.91
N SER B 513 30.13 -45.62 -24.64
CA SER B 513 30.63 -46.87 -24.11
C SER B 513 30.16 -47.11 -22.68
N GLN B 514 30.29 -46.09 -21.84
CA GLN B 514 29.87 -46.19 -20.44
C GLN B 514 28.38 -46.40 -20.29
N GLY B 515 27.63 -46.27 -21.39
CA GLY B 515 26.19 -46.44 -21.33
C GLY B 515 25.50 -45.59 -20.28
N GLY B 516 24.21 -45.79 -20.08
CA GLY B 516 23.50 -45.01 -19.08
C GLY B 516 23.31 -43.55 -19.48
N ARG B 517 23.19 -42.68 -18.49
CA ARG B 517 23.02 -41.26 -18.77
C ARG B 517 24.21 -40.73 -19.55
N ALA B 518 25.38 -41.29 -19.30
CA ALA B 518 26.58 -40.86 -20.01
C ALA B 518 26.38 -41.04 -21.51
N ALA B 519 25.78 -42.17 -21.89
CA ALA B 519 25.55 -42.50 -23.29
C ALA B 519 24.61 -41.50 -23.92
N THR B 520 23.48 -41.25 -23.28
CA THR B 520 22.53 -40.28 -23.80
C THR B 520 23.19 -38.90 -23.98
N CYS B 521 24.23 -38.63 -23.20
CA CYS B 521 24.91 -37.34 -23.33
C CYS B 521 25.61 -37.26 -24.69
N GLY B 522 26.38 -38.28 -25.00
CA GLY B 522 27.08 -38.31 -26.29
C GLY B 522 26.09 -38.36 -27.44
N ARG B 523 25.06 -39.17 -27.25
CA ARG B 523 24.02 -39.37 -28.23
C ARG B 523 23.39 -38.07 -28.70
N TYR B 524 23.03 -37.19 -27.77
CA TYR B 524 22.40 -35.93 -28.13
C TYR B 524 23.32 -34.70 -28.19
N LEU B 525 24.12 -34.51 -27.17
CA LEU B 525 25.02 -33.36 -27.09
C LEU B 525 26.07 -33.32 -28.20
N PHE B 526 26.46 -34.48 -28.70
CA PHE B 526 27.48 -34.53 -29.74
C PHE B 526 27.05 -35.24 -31.03
N ASN B 527 25.75 -35.23 -31.32
CA ASN B 527 25.22 -35.82 -32.54
C ASN B 527 25.66 -34.99 -33.78
N TRP B 528 26.23 -33.81 -33.56
CA TRP B 528 26.68 -32.95 -34.66
C TRP B 528 28.08 -33.34 -35.17
N ALA B 529 28.89 -33.93 -34.31
CA ALA B 529 30.25 -34.30 -34.66
C ALA B 529 30.37 -35.48 -35.62
N VAL B 530 29.33 -36.31 -35.68
CA VAL B 530 29.31 -37.48 -36.55
C VAL B 530 28.95 -37.15 -37.99
N ARG B 531 29.58 -37.85 -38.95
CA ARG B 531 29.33 -37.62 -40.38
C ARG B 531 27.90 -38.02 -40.78
N THR B 532 27.49 -39.21 -40.34
CA THR B 532 26.15 -39.72 -40.61
C THR B 532 25.28 -39.55 -39.35
N LYS B 533 24.47 -38.51 -39.36
CA LYS B 533 23.59 -38.16 -38.26
C LYS B 533 22.57 -39.25 -37.89
N LEU B 534 22.22 -39.26 -36.61
CA LEU B 534 21.26 -40.22 -36.10
C LEU B 534 20.01 -39.41 -35.79
N LYS B 535 18.87 -40.10 -35.78
CA LYS B 535 17.58 -39.48 -35.47
C LYS B 535 17.38 -39.52 -33.95
N LEU B 536 17.07 -38.35 -33.38
CA LEU B 536 16.86 -38.25 -31.91
C LEU B 536 15.38 -38.24 -31.55
N THR B 537 15.02 -39.10 -30.61
CA THR B 537 13.64 -39.20 -30.17
C THR B 537 13.49 -38.54 -28.79
N PRO B 538 12.25 -38.10 -28.47
CA PRO B 538 11.93 -37.45 -27.21
C PRO B 538 12.50 -38.20 -26.02
N ILE B 539 13.30 -37.51 -25.20
CA ILE B 539 13.90 -38.14 -24.03
C ILE B 539 12.88 -38.20 -22.90
N PRO B 540 12.57 -39.42 -22.43
CA PRO B 540 11.60 -39.66 -21.35
C PRO B 540 11.81 -38.82 -20.09
N ALA B 541 13.03 -38.85 -19.57
CA ALA B 541 13.34 -38.10 -18.37
C ALA B 541 13.26 -36.58 -18.53
N ALA B 542 12.89 -36.12 -19.73
CA ALA B 542 12.79 -34.68 -20.00
C ALA B 542 11.37 -34.17 -19.84
N SER B 543 10.39 -34.95 -20.29
CA SER B 543 8.97 -34.55 -20.19
C SER B 543 8.57 -34.30 -18.74
N GLN B 544 9.22 -35.03 -17.84
CA GLN B 544 9.01 -34.94 -16.40
C GLN B 544 10.11 -34.09 -15.76
N LEU B 545 10.14 -32.82 -16.10
CA LEU B 545 11.18 -31.94 -15.55
C LEU B 545 10.55 -30.64 -15.13
N ASP B 546 10.58 -30.36 -13.83
CA ASP B 546 10.00 -29.13 -13.29
C ASP B 546 11.13 -28.14 -13.11
N LEU B 547 11.22 -27.21 -14.04
CA LEU B 547 12.26 -26.19 -14.00
C LEU B 547 11.62 -24.83 -13.88
N SER B 548 10.37 -24.81 -13.43
CA SER B 548 9.63 -23.56 -13.28
C SER B 548 10.34 -22.59 -12.34
N GLY B 549 10.82 -23.13 -11.22
CA GLY B 549 11.51 -22.33 -10.22
C GLY B 549 12.74 -21.62 -10.77
N TRP B 550 13.22 -22.09 -11.92
CA TRP B 550 14.42 -21.52 -12.54
C TRP B 550 14.20 -20.13 -13.14
N PHE B 551 12.95 -19.88 -13.52
CA PHE B 551 12.59 -18.63 -14.17
C PHE B 551 11.38 -17.95 -13.56
N VAL B 552 11.55 -17.52 -12.32
CA VAL B 552 10.50 -16.82 -11.60
C VAL B 552 10.90 -15.35 -11.36
N ALA B 553 12.13 -15.13 -10.86
CA ALA B 553 12.58 -13.77 -10.58
C ALA B 553 14.10 -13.69 -10.54
N GLY B 554 14.61 -12.45 -10.60
CA GLY B 554 16.05 -12.23 -10.57
C GLY B 554 16.49 -12.13 -9.13
N TYR B 555 17.70 -12.61 -8.84
CA TYR B 555 18.23 -12.58 -7.48
C TYR B 555 19.70 -12.18 -7.43
N SER B 556 20.18 -11.58 -8.52
CA SER B 556 21.58 -11.19 -8.55
C SER B 556 21.94 -10.35 -7.31
N GLY B 557 22.96 -10.79 -6.58
CA GLY B 557 23.39 -10.10 -5.38
C GLY B 557 22.48 -10.37 -4.19
N GLY B 558 21.48 -11.21 -4.41
CA GLY B 558 20.54 -11.56 -3.35
C GLY B 558 20.92 -12.71 -2.42
N ASP B 559 22.13 -13.26 -2.56
CA ASP B 559 22.57 -14.33 -1.66
C ASP B 559 21.49 -15.43 -1.58
N ILE B 560 21.18 -16.02 -2.74
CA ILE B 560 20.13 -17.02 -2.82
C ILE B 560 20.57 -18.37 -3.39
N TYR B 561 20.19 -19.44 -2.70
CA TYR B 561 20.49 -20.81 -3.08
C TYR B 561 19.19 -21.59 -3.19
N HIS B 562 18.94 -22.18 -4.35
CA HIS B 562 17.74 -22.96 -4.59
C HIS B 562 18.09 -24.44 -4.76
N SER B 563 17.57 -25.29 -3.88
CA SER B 563 17.86 -26.73 -3.95
C SER B 563 16.62 -27.57 -3.67
C1 1M9 C . -45.69 25.08 8.77
C2 1M9 C . -44.31 24.96 9.50
C3 1M9 C . -44.24 25.84 10.77
C4 1M9 C . -45.42 25.54 11.71
C5 1M9 C . -46.77 25.70 11.01
C6 1M9 C . -46.86 24.78 9.74
C7 1M9 C . -48.23 25.00 9.07
O8 1M9 C . -48.41 25.99 8.37
C9 1M9 C . -50.59 24.24 8.60
N10 1M9 C . -49.25 24.02 9.27
C11 1M9 C . -49.07 22.84 10.09
C12 1M9 C . -48.54 21.58 9.59
C13 1M9 C . -48.41 20.47 10.49
C14 1M9 C . -48.80 20.60 11.83
C15 1M9 C . -49.32 21.85 12.32
C16 1M9 C . -49.46 22.94 11.47
C17 1M9 C . -48.12 21.40 8.20
O18 1M9 C . -48.32 20.12 7.73
O19 1M9 C . -47.62 22.25 7.48
O20 1M9 C . -48.66 19.47 12.60
C21 1M9 C . -49.69 19.13 13.48
C22 1M9 C . -51.06 19.05 13.05
C23 1M9 C . -52.09 18.70 13.96
C24 1M9 C . -51.76 18.42 15.32
C25 1M9 C . -50.40 18.48 15.76
C26 1M9 C . -49.34 18.84 14.84
C27 1M9 C . -47.88 18.89 15.30
C28 1M9 C . -42.92 25.61 11.54
C29 1M9 C . -51.29 23.01 7.95
C30 1M9 C . -51.58 24.90 9.57
F31 1M9 C . -47.71 18.61 16.63
F32 1M9 C . -47.11 18.00 14.66
F33 1M9 C . -47.26 20.09 15.06
MG MG D . -25.15 -0.48 16.58
MG MG E . 24.58 0.60 -17.78
#